data_1KDJ
# 
_entry.id   1KDJ 
# 
_audit_conform.dict_name       mmcif_pdbx.dic 
_audit_conform.dict_version    5.389 
_audit_conform.dict_location   http://mmcif.pdb.org/dictionaries/ascii/mmcif_pdbx.dic 
# 
loop_
_database_2.database_id 
_database_2.database_code 
_database_2.pdbx_database_accession 
_database_2.pdbx_DOI 
PDB   1KDJ         pdb_00001kdj 10.2210/pdb1kdj/pdb 
WWPDB D_1000174414 ?            ?                   
# 
loop_
_pdbx_audit_revision_history.ordinal 
_pdbx_audit_revision_history.data_content_type 
_pdbx_audit_revision_history.major_revision 
_pdbx_audit_revision_history.minor_revision 
_pdbx_audit_revision_history.revision_date 
1 'Structure model' 1 0 1999-05-11 
2 'Structure model' 1 1 2008-03-24 
3 'Structure model' 1 2 2011-07-13 
4 'Structure model' 1 3 2024-02-07 
5 'Structure model' 1 4 2024-04-03 
# 
_pdbx_audit_revision_details.ordinal             1 
_pdbx_audit_revision_details.revision_ordinal    1 
_pdbx_audit_revision_details.data_content_type   'Structure model' 
_pdbx_audit_revision_details.provider            repository 
_pdbx_audit_revision_details.type                'Initial release' 
_pdbx_audit_revision_details.description         ? 
_pdbx_audit_revision_details.details             ? 
# 
loop_
_pdbx_audit_revision_group.ordinal 
_pdbx_audit_revision_group.revision_ordinal 
_pdbx_audit_revision_group.data_content_type 
_pdbx_audit_revision_group.group 
1 2 'Structure model' 'Version format compliance' 
2 3 'Structure model' 'Version format compliance' 
3 4 'Structure model' 'Data collection'           
4 4 'Structure model' 'Database references'       
5 4 'Structure model' 'Derived calculations'      
6 4 'Structure model' Other                       
7 5 'Structure model' 'Refinement description'    
# 
loop_
_pdbx_audit_revision_category.ordinal 
_pdbx_audit_revision_category.revision_ordinal 
_pdbx_audit_revision_category.data_content_type 
_pdbx_audit_revision_category.category 
1 4 'Structure model' chem_comp_atom                
2 4 'Structure model' chem_comp_bond                
3 4 'Structure model' database_2                    
4 4 'Structure model' pdbx_database_status          
5 4 'Structure model' struct_conn                   
6 4 'Structure model' struct_site                   
7 5 'Structure model' pdbx_initial_refinement_model 
# 
loop_
_pdbx_audit_revision_item.ordinal 
_pdbx_audit_revision_item.revision_ordinal 
_pdbx_audit_revision_item.data_content_type 
_pdbx_audit_revision_item.item 
1  4 'Structure model' '_database_2.pdbx_DOI'                
2  4 'Structure model' '_database_2.pdbx_database_accession' 
3  4 'Structure model' '_pdbx_database_status.process_site'  
4  4 'Structure model' '_struct_conn.ptnr1_auth_comp_id'     
5  4 'Structure model' '_struct_conn.ptnr1_auth_seq_id'      
6  4 'Structure model' '_struct_conn.ptnr1_label_asym_id'    
7  4 'Structure model' '_struct_conn.ptnr1_label_atom_id'    
8  4 'Structure model' '_struct_conn.ptnr1_label_comp_id'    
9  4 'Structure model' '_struct_conn.ptnr1_label_seq_id'     
10 4 'Structure model' '_struct_conn.ptnr2_auth_comp_id'     
11 4 'Structure model' '_struct_conn.ptnr2_auth_seq_id'      
12 4 'Structure model' '_struct_conn.ptnr2_label_asym_id'    
13 4 'Structure model' '_struct_conn.ptnr2_label_atom_id'    
14 4 'Structure model' '_struct_conn.ptnr2_label_comp_id'    
15 4 'Structure model' '_struct_conn.ptnr2_label_seq_id'     
16 4 'Structure model' '_struct_site.pdbx_auth_asym_id'      
17 4 'Structure model' '_struct_site.pdbx_auth_comp_id'      
18 4 'Structure model' '_struct_site.pdbx_auth_seq_id'       
# 
_pdbx_database_status.status_code                     REL 
_pdbx_database_status.entry_id                        1KDJ 
_pdbx_database_status.recvd_initial_deposition_date   1998-05-08 
_pdbx_database_status.deposit_site                    ? 
_pdbx_database_status.process_site                    BNL 
_pdbx_database_status.SG_entry                        . 
_pdbx_database_status.pdb_format_compatible           Y 
_pdbx_database_status.status_code_mr                  ? 
_pdbx_database_status.status_code_sf                  ? 
_pdbx_database_status.status_code_cs                  ? 
_pdbx_database_status.status_code_nmr_data            ? 
_pdbx_database_status.methods_development_category    ? 
# 
loop_
_audit_author.name 
_audit_author.pdbx_ordinal 
'Inoue, T.'     1 
'Gotowda, M.'   2 
'Hamada, K.'    3 
'Kohzuma, T.'   4 
'Yoshizaki, F.' 5 
'Sugimura, Y.'  6 
'Kai, Y.'       7 
# 
_citation.id                        primary 
_citation.title                     
;The structure and unusual pH dependence of plastocyanin from the fern Dryopteris crassirhizoma. The protonation of an active site histidine is hindered by pi-pi interactions.
;
_citation.journal_abbrev            J.Biol.Chem. 
_citation.journal_volume            274 
_citation.page_first                11817 
_citation.page_last                 11823 
_citation.year                      1999 
_citation.journal_id_ASTM           JBCHA3 
_citation.country                   US 
_citation.journal_id_ISSN           0021-9258 
_citation.journal_id_CSD            0071 
_citation.book_publisher            ? 
_citation.pdbx_database_id_PubMed   10206999 
_citation.pdbx_database_id_DOI      10.1074/jbc.274.17.11817 
# 
loop_
_citation_author.citation_id 
_citation_author.name 
_citation_author.ordinal 
_citation_author.identifier_ORCID 
primary 'Kohzuma, T.'   1  ? 
primary 'Inoue, T.'     2  ? 
primary 'Yoshizaki, F.' 3  ? 
primary 'Sasakawa, Y.'  4  ? 
primary 'Onodera, K.'   5  ? 
primary 'Nagatomo, S.'  6  ? 
primary 'Kitagawa, T.'  7  ? 
primary 'Uzawa, S.'     8  ? 
primary 'Isobe, Y.'     9  ? 
primary 'Sugimura, Y.'  10 ? 
primary 'Gotowda, M.'   11 ? 
primary 'Kai, Y.'       12 ? 
# 
loop_
_entity.id 
_entity.type 
_entity.src_method 
_entity.pdbx_description 
_entity.formula_weight 
_entity.pdbx_number_of_molecules 
_entity.pdbx_ec 
_entity.pdbx_mutation 
_entity.pdbx_fragment 
_entity.details 
1 polymer     nat PLASTOCYANIN      10785.973 1  ? ? ? OXIDIZED 
2 non-polymer syn 'COPPER (II) ION' 63.546    1  ? ? ? ?        
3 water       nat water             18.015    49 ? ? ? ?        
# 
_entity_poly.entity_id                      1 
_entity_poly.type                           'polypeptide(L)' 
_entity_poly.nstd_linkage                   no 
_entity_poly.nstd_monomer                   no 
_entity_poly.pdbx_seq_one_letter_code       
;AKVEVGDEVGNFKFYPDSITVSAGEAVEFTLVGETGHNIVFDIPAGAPGTVASELKAASMDENDLLSEDEPSFKAKVSTP
GTYTFYCTPHKSANMKGTLTVK
;
_entity_poly.pdbx_seq_one_letter_code_can   
;AKVEVGDEVGNFKFYPDSITVSAGEAVEFTLVGETGHNIVFDIPAGAPGTVASELKAASMDENDLLSEDEPSFKAKVSTP
GTYTFYCTPHKSANMKGTLTVK
;
_entity_poly.pdbx_strand_id                 A 
_entity_poly.pdbx_target_identifier         ? 
# 
loop_
_pdbx_entity_nonpoly.entity_id 
_pdbx_entity_nonpoly.name 
_pdbx_entity_nonpoly.comp_id 
2 'COPPER (II) ION' CU  
3 water             HOH 
# 
loop_
_entity_poly_seq.entity_id 
_entity_poly_seq.num 
_entity_poly_seq.mon_id 
_entity_poly_seq.hetero 
1 1   ALA n 
1 2   LYS n 
1 3   VAL n 
1 4   GLU n 
1 5   VAL n 
1 6   GLY n 
1 7   ASP n 
1 8   GLU n 
1 9   VAL n 
1 10  GLY n 
1 11  ASN n 
1 12  PHE n 
1 13  LYS n 
1 14  PHE n 
1 15  TYR n 
1 16  PRO n 
1 17  ASP n 
1 18  SER n 
1 19  ILE n 
1 20  THR n 
1 21  VAL n 
1 22  SER n 
1 23  ALA n 
1 24  GLY n 
1 25  GLU n 
1 26  ALA n 
1 27  VAL n 
1 28  GLU n 
1 29  PHE n 
1 30  THR n 
1 31  LEU n 
1 32  VAL n 
1 33  GLY n 
1 34  GLU n 
1 35  THR n 
1 36  GLY n 
1 37  HIS n 
1 38  ASN n 
1 39  ILE n 
1 40  VAL n 
1 41  PHE n 
1 42  ASP n 
1 43  ILE n 
1 44  PRO n 
1 45  ALA n 
1 46  GLY n 
1 47  ALA n 
1 48  PRO n 
1 49  GLY n 
1 50  THR n 
1 51  VAL n 
1 52  ALA n 
1 53  SER n 
1 54  GLU n 
1 55  LEU n 
1 56  LYS n 
1 57  ALA n 
1 58  ALA n 
1 59  SER n 
1 60  MET n 
1 61  ASP n 
1 62  GLU n 
1 63  ASN n 
1 64  ASP n 
1 65  LEU n 
1 66  LEU n 
1 67  SER n 
1 68  GLU n 
1 69  ASP n 
1 70  GLU n 
1 71  PRO n 
1 72  SER n 
1 73  PHE n 
1 74  LYS n 
1 75  ALA n 
1 76  LYS n 
1 77  VAL n 
1 78  SER n 
1 79  THR n 
1 80  PRO n 
1 81  GLY n 
1 82  THR n 
1 83  TYR n 
1 84  THR n 
1 85  PHE n 
1 86  TYR n 
1 87  CYS n 
1 88  THR n 
1 89  PRO n 
1 90  HIS n 
1 91  LYS n 
1 92  SER n 
1 93  ALA n 
1 94  ASN n 
1 95  MET n 
1 96  LYS n 
1 97  GLY n 
1 98  THR n 
1 99  LEU n 
1 100 THR n 
1 101 VAL n 
1 102 LYS n 
# 
_entity_src_nat.entity_id                  1 
_entity_src_nat.pdbx_src_id                1 
_entity_src_nat.pdbx_alt_source_flag       sample 
_entity_src_nat.pdbx_beg_seq_num           ? 
_entity_src_nat.pdbx_end_seq_num           ? 
_entity_src_nat.common_name                ? 
_entity_src_nat.pdbx_organism_scientific   'Adiantum capillus-veneris' 
_entity_src_nat.pdbx_ncbi_taxonomy_id      13818 
_entity_src_nat.genus                      Adiantum 
_entity_src_nat.species                    ? 
_entity_src_nat.strain                     ? 
_entity_src_nat.tissue                     ? 
_entity_src_nat.tissue_fraction            ? 
_entity_src_nat.pdbx_secretion             ? 
_entity_src_nat.pdbx_fragment              ? 
_entity_src_nat.pdbx_variant               ? 
_entity_src_nat.pdbx_cell_line             ? 
_entity_src_nat.pdbx_atcc                  ? 
_entity_src_nat.pdbx_cellular_location     ? 
_entity_src_nat.pdbx_organ                 ? 
_entity_src_nat.pdbx_organelle             ? 
_entity_src_nat.pdbx_cell                  ? 
_entity_src_nat.pdbx_plasmid_name          ? 
_entity_src_nat.pdbx_plasmid_details       ? 
_entity_src_nat.details                    ? 
# 
loop_
_chem_comp.id 
_chem_comp.type 
_chem_comp.mon_nstd_flag 
_chem_comp.name 
_chem_comp.pdbx_synonyms 
_chem_comp.formula 
_chem_comp.formula_weight 
ALA 'L-peptide linking' y ALANINE           ? 'C3 H7 N O2'     89.093  
ASN 'L-peptide linking' y ASPARAGINE        ? 'C4 H8 N2 O3'    132.118 
ASP 'L-peptide linking' y 'ASPARTIC ACID'   ? 'C4 H7 N O4'     133.103 
CU  non-polymer         . 'COPPER (II) ION' ? 'Cu 2'           63.546  
CYS 'L-peptide linking' y CYSTEINE          ? 'C3 H7 N O2 S'   121.158 
GLU 'L-peptide linking' y 'GLUTAMIC ACID'   ? 'C5 H9 N O4'     147.129 
GLY 'peptide linking'   y GLYCINE           ? 'C2 H5 N O2'     75.067  
HIS 'L-peptide linking' y HISTIDINE         ? 'C6 H10 N3 O2 1' 156.162 
HOH non-polymer         . WATER             ? 'H2 O'           18.015  
ILE 'L-peptide linking' y ISOLEUCINE        ? 'C6 H13 N O2'    131.173 
LEU 'L-peptide linking' y LEUCINE           ? 'C6 H13 N O2'    131.173 
LYS 'L-peptide linking' y LYSINE            ? 'C6 H15 N2 O2 1' 147.195 
MET 'L-peptide linking' y METHIONINE        ? 'C5 H11 N O2 S'  149.211 
PHE 'L-peptide linking' y PHENYLALANINE     ? 'C9 H11 N O2'    165.189 
PRO 'L-peptide linking' y PROLINE           ? 'C5 H9 N O2'     115.130 
SER 'L-peptide linking' y SERINE            ? 'C3 H7 N O3'     105.093 
THR 'L-peptide linking' y THREONINE         ? 'C4 H9 N O3'     119.119 
TYR 'L-peptide linking' y TYROSINE          ? 'C9 H11 N O3'    181.189 
VAL 'L-peptide linking' y VALINE            ? 'C5 H11 N O2'    117.146 
# 
loop_
_pdbx_poly_seq_scheme.asym_id 
_pdbx_poly_seq_scheme.entity_id 
_pdbx_poly_seq_scheme.seq_id 
_pdbx_poly_seq_scheme.mon_id 
_pdbx_poly_seq_scheme.ndb_seq_num 
_pdbx_poly_seq_scheme.pdb_seq_num 
_pdbx_poly_seq_scheme.auth_seq_num 
_pdbx_poly_seq_scheme.pdb_mon_id 
_pdbx_poly_seq_scheme.auth_mon_id 
_pdbx_poly_seq_scheme.pdb_strand_id 
_pdbx_poly_seq_scheme.pdb_ins_code 
_pdbx_poly_seq_scheme.hetero 
A 1 1   ALA 1   1   1   ALA ALA A . n 
A 1 2   LYS 2   2   2   LYS LYS A . n 
A 1 3   VAL 3   3   3   VAL VAL A . n 
A 1 4   GLU 4   4   4   GLU GLU A . n 
A 1 5   VAL 5   5   5   VAL VAL A . n 
A 1 6   GLY 6   6   6   GLY GLY A . n 
A 1 7   ASP 7   7   7   ASP ASP A . n 
A 1 8   GLU 8   8   8   GLU GLU A . n 
A 1 9   VAL 9   9   9   VAL VAL A . n 
A 1 10  GLY 10  10  10  GLY GLY A . n 
A 1 11  ASN 11  11  11  ASN ASN A . n 
A 1 12  PHE 12  12  12  PHE PHE A . n 
A 1 13  LYS 13  13  13  LYS LYS A . n 
A 1 14  PHE 14  14  14  PHE PHE A . n 
A 1 15  TYR 15  15  15  TYR TYR A . n 
A 1 16  PRO 16  16  16  PRO PRO A . n 
A 1 17  ASP 17  17  17  ASP ASP A . n 
A 1 18  SER 18  18  18  SER SER A . n 
A 1 19  ILE 19  19  19  ILE ILE A . n 
A 1 20  THR 20  20  20  THR THR A . n 
A 1 21  VAL 21  21  21  VAL VAL A . n 
A 1 22  SER 22  22  22  SER SER A . n 
A 1 23  ALA 23  23  23  ALA ALA A . n 
A 1 24  GLY 24  24  24  GLY GLY A . n 
A 1 25  GLU 25  25  25  GLU GLU A . n 
A 1 26  ALA 26  26  26  ALA ALA A . n 
A 1 27  VAL 27  27  27  VAL VAL A . n 
A 1 28  GLU 28  28  28  GLU GLU A . n 
A 1 29  PHE 29  29  29  PHE PHE A . n 
A 1 30  THR 30  30  30  THR THR A . n 
A 1 31  LEU 31  31  31  LEU LEU A . n 
A 1 32  VAL 32  32  32  VAL VAL A . n 
A 1 33  GLY 33  33  33  GLY GLY A . n 
A 1 34  GLU 34  34  34  GLU GLU A . n 
A 1 35  THR 35  35  35  THR THR A . n 
A 1 36  GLY 36  36  36  GLY GLY A . n 
A 1 37  HIS 37  37  37  HIS HIS A . n 
A 1 38  ASN 38  38  38  ASN ASN A . n 
A 1 39  ILE 39  39  39  ILE ILE A . n 
A 1 40  VAL 40  40  40  VAL VAL A . n 
A 1 41  PHE 41  41  41  PHE PHE A . n 
A 1 42  ASP 42  42  42  ASP ASP A . n 
A 1 43  ILE 43  43  43  ILE ILE A . n 
A 1 44  PRO 44  44  44  PRO PRO A . n 
A 1 45  ALA 45  45  45  ALA ALA A . n 
A 1 46  GLY 46  46  46  GLY GLY A . n 
A 1 47  ALA 47  47  47  ALA ALA A . n 
A 1 48  PRO 48  48  48  PRO PRO A . n 
A 1 49  GLY 49  49  49  GLY GLY A . n 
A 1 50  THR 50  50  50  THR THR A . n 
A 1 51  VAL 51  51  51  VAL VAL A . n 
A 1 52  ALA 52  52  52  ALA ALA A . n 
A 1 53  SER 53  53  53  SER SER A . n 
A 1 54  GLU 54  54  54  GLU GLU A . n 
A 1 55  LEU 55  55  55  LEU LEU A . n 
A 1 56  LYS 56  56  56  LYS LYS A . n 
A 1 57  ALA 57  57  57  ALA ALA A . n 
A 1 58  ALA 58  58  58  ALA ALA A . n 
A 1 59  SER 59  59  59  SER SER A . n 
A 1 60  MET 60  60  60  MET MET A . n 
A 1 61  ASP 61  61  61  ASP ASP A . n 
A 1 62  GLU 62  62  62  GLU GLU A . n 
A 1 63  ASN 63  63  63  ASN ASN A . n 
A 1 64  ASP 64  64  64  ASP ASP A . n 
A 1 65  LEU 65  65  65  LEU LEU A . n 
A 1 66  LEU 66  66  66  LEU LEU A . n 
A 1 67  SER 67  67  67  SER SER A . n 
A 1 68  GLU 68  68  68  GLU GLU A . n 
A 1 69  ASP 69  69  69  ASP ASP A . n 
A 1 70  GLU 70  70  70  GLU GLU A . n 
A 1 71  PRO 71  71  71  PRO PRO A . n 
A 1 72  SER 72  72  72  SER SER A . n 
A 1 73  PHE 73  73  73  PHE PHE A . n 
A 1 74  LYS 74  74  74  LYS LYS A . n 
A 1 75  ALA 75  75  75  ALA ALA A . n 
A 1 76  LYS 76  76  76  LYS LYS A . n 
A 1 77  VAL 77  77  77  VAL VAL A . n 
A 1 78  SER 78  78  78  SER SER A . n 
A 1 79  THR 79  79  79  THR THR A . n 
A 1 80  PRO 80  80  80  PRO PRO A . n 
A 1 81  GLY 81  81  81  GLY GLY A . n 
A 1 82  THR 82  82  82  THR THR A . n 
A 1 83  TYR 83  83  83  TYR TYR A . n 
A 1 84  THR 84  84  84  THR THR A . n 
A 1 85  PHE 85  85  85  PHE PHE A . n 
A 1 86  TYR 86  86  86  TYR TYR A . n 
A 1 87  CYS 87  87  87  CYS CYS A . n 
A 1 88  THR 88  88  88  THR THR A . n 
A 1 89  PRO 89  89  89  PRO PRO A . n 
A 1 90  HIS 90  90  90  HIS HIS A . n 
A 1 91  LYS 91  91  91  LYS LYS A . n 
A 1 92  SER 92  92  92  SER SER A . n 
A 1 93  ALA 93  93  93  ALA ALA A . n 
A 1 94  ASN 94  94  94  ASN ASN A . n 
A 1 95  MET 95  95  95  MET MET A . n 
A 1 96  LYS 96  96  96  LYS LYS A . n 
A 1 97  GLY 97  97  97  GLY GLY A . n 
A 1 98  THR 98  98  98  THR THR A . n 
A 1 99  LEU 99  99  99  LEU LEU A . n 
A 1 100 THR 100 100 100 THR THR A . n 
A 1 101 VAL 101 101 101 VAL VAL A . n 
A 1 102 LYS 102 102 102 LYS LYS A . n 
# 
loop_
_pdbx_nonpoly_scheme.asym_id 
_pdbx_nonpoly_scheme.entity_id 
_pdbx_nonpoly_scheme.mon_id 
_pdbx_nonpoly_scheme.ndb_seq_num 
_pdbx_nonpoly_scheme.pdb_seq_num 
_pdbx_nonpoly_scheme.auth_seq_num 
_pdbx_nonpoly_scheme.pdb_mon_id 
_pdbx_nonpoly_scheme.auth_mon_id 
_pdbx_nonpoly_scheme.pdb_strand_id 
_pdbx_nonpoly_scheme.pdb_ins_code 
B 2 CU  1  103 103 CU  CU  A . 
C 3 HOH 1  201 201 HOH HOH A . 
C 3 HOH 2  202 202 HOH HOH A . 
C 3 HOH 3  203 203 HOH HOH A . 
C 3 HOH 4  204 204 HOH HOH A . 
C 3 HOH 5  205 205 HOH HOH A . 
C 3 HOH 6  206 206 HOH HOH A . 
C 3 HOH 7  207 207 HOH HOH A . 
C 3 HOH 8  208 208 HOH HOH A . 
C 3 HOH 9  209 209 HOH HOH A . 
C 3 HOH 10 210 210 HOH HOH A . 
C 3 HOH 11 211 211 HOH HOH A . 
C 3 HOH 12 212 212 HOH HOH A . 
C 3 HOH 13 213 213 HOH HOH A . 
C 3 HOH 14 214 214 HOH HOH A . 
C 3 HOH 15 215 215 HOH HOH A . 
C 3 HOH 16 216 216 HOH HOH A . 
C 3 HOH 17 217 217 HOH HOH A . 
C 3 HOH 18 218 218 HOH HOH A . 
C 3 HOH 19 219 219 HOH HOH A . 
C 3 HOH 20 221 221 HOH HOH A . 
C 3 HOH 21 222 222 HOH HOH A . 
C 3 HOH 22 223 223 HOH HOH A . 
C 3 HOH 23 224 224 HOH HOH A . 
C 3 HOH 24 225 225 HOH HOH A . 
C 3 HOH 25 226 226 HOH HOH A . 
C 3 HOH 26 227 227 HOH HOH A . 
C 3 HOH 27 228 228 HOH HOH A . 
C 3 HOH 28 229 229 HOH HOH A . 
C 3 HOH 29 230 230 HOH HOH A . 
C 3 HOH 30 231 231 HOH HOH A . 
C 3 HOH 31 232 232 HOH HOH A . 
C 3 HOH 32 233 233 HOH HOH A . 
C 3 HOH 33 234 234 HOH HOH A . 
C 3 HOH 34 235 235 HOH HOH A . 
C 3 HOH 35 236 236 HOH HOH A . 
C 3 HOH 36 238 238 HOH HOH A . 
C 3 HOH 37 239 239 HOH HOH A . 
C 3 HOH 38 240 240 HOH HOH A . 
C 3 HOH 39 241 241 HOH HOH A . 
C 3 HOH 40 242 242 HOH HOH A . 
C 3 HOH 41 243 243 HOH HOH A . 
C 3 HOH 42 244 244 HOH HOH A . 
C 3 HOH 43 245 245 HOH HOH A . 
C 3 HOH 44 246 246 HOH HOH A . 
C 3 HOH 45 247 247 HOH HOH A . 
C 3 HOH 46 248 248 HOH HOH A . 
C 3 HOH 47 249 249 HOH HOH A . 
C 3 HOH 48 250 250 HOH HOH A . 
C 3 HOH 49 251 251 HOH HOH A . 
# 
loop_
_software.name 
_software.classification 
_software.version 
_software.citation_id 
_software.pdbx_ordinal 
X-PLOR    'model building' 3.0 ? 1 
X-PLOR    refinement       3.0 ? 2 
DENZO     'data reduction' .   ? 3 
SCALEPACK 'data scaling'   .   ? 4 
X-PLOR    phasing          3.0 ? 5 
# 
_cell.entry_id           1KDJ 
_cell.length_a           73.118 
_cell.length_b           73.118 
_cell.length_c           31.095 
_cell.angle_alpha        90.00 
_cell.angle_beta         90.00 
_cell.angle_gamma        120.00 
_cell.Z_PDB              6 
_cell.pdbx_unique_axis   ? 
# 
_symmetry.entry_id                         1KDJ 
_symmetry.space_group_name_H-M             'P 61' 
_symmetry.pdbx_full_space_group_name_H-M   ? 
_symmetry.cell_setting                     ? 
_symmetry.Int_Tables_number                169 
# 
_exptl.entry_id          1KDJ 
_exptl.method            'X-RAY DIFFRACTION' 
_exptl.crystals_number   1 
# 
_exptl_crystal.id                    1 
_exptl_crystal.density_meas          ? 
_exptl_crystal.density_Matthews      2.4 
_exptl_crystal.density_percent_sol   48 
_exptl_crystal.description           ? 
# 
_exptl_crystal_grow.crystal_id      1 
_exptl_crystal_grow.method          ? 
_exptl_crystal_grow.temp            ? 
_exptl_crystal_grow.temp_details    ? 
_exptl_crystal_grow.pH              4.5 
_exptl_crystal_grow.pdbx_pH_range   ? 
_exptl_crystal_grow.pdbx_details    'pH 4.5' 
# 
_diffrn.id                     1 
_diffrn.ambient_temp           298 
_diffrn.ambient_temp_details   ? 
_diffrn.crystal_id             1 
# 
_diffrn_detector.diffrn_id              1 
_diffrn_detector.detector               DIFFRACTOMETER 
_diffrn_detector.type                   WEISSENBERG 
_diffrn_detector.pdbx_collection_date   1996-02-20 
_diffrn_detector.details                ? 
# 
_diffrn_radiation.diffrn_id                        1 
_diffrn_radiation.wavelength_id                    1 
_diffrn_radiation.pdbx_monochromatic_or_laue_m_l   M 
_diffrn_radiation.monochromator                    'SI(111)' 
_diffrn_radiation.pdbx_diffrn_protocol             ? 
_diffrn_radiation.pdbx_scattering_type             x-ray 
# 
_diffrn_radiation_wavelength.id           1 
_diffrn_radiation_wavelength.wavelength   1.0 
_diffrn_radiation_wavelength.wt           1.0 
# 
_diffrn_source.diffrn_id                   1 
_diffrn_source.source                      SYNCHROTRON 
_diffrn_source.type                        'PHOTON FACTORY BEAMLINE BL-6B' 
_diffrn_source.pdbx_synchrotron_site       'Photon Factory' 
_diffrn_source.pdbx_synchrotron_beamline   BL-6B 
_diffrn_source.pdbx_wavelength             1.0 
_diffrn_source.pdbx_wavelength_list        ? 
# 
_reflns.entry_id                     1KDJ 
_reflns.observed_criterion_sigma_I   2 
_reflns.observed_criterion_sigma_F   ? 
_reflns.d_resolution_low             30.0 
_reflns.d_resolution_high            1.7 
_reflns.number_obs                   10063 
_reflns.number_all                   ? 
_reflns.percent_possible_obs         95.0 
_reflns.pdbx_Rmerge_I_obs            0.0500000 
_reflns.pdbx_Rsym_value              ? 
_reflns.pdbx_netI_over_sigmaI        9.1 
_reflns.B_iso_Wilson_estimate        ? 
_reflns.pdbx_redundancy              9.2 
_reflns.pdbx_diffrn_id               1 
_reflns.pdbx_ordinal                 1 
# 
_reflns_shell.d_res_high             1.70 
_reflns_shell.d_res_low              1.76 
_reflns_shell.percent_possible_all   83.3 
_reflns_shell.Rmerge_I_obs           0.1480000 
_reflns_shell.pdbx_Rsym_value        ? 
_reflns_shell.meanI_over_sigI_obs    2.45 
_reflns_shell.pdbx_redundancy        ? 
_reflns_shell.pdbx_diffrn_id         ? 
_reflns_shell.pdbx_ordinal           1 
# 
_refine.entry_id                                 1KDJ 
_refine.ls_number_reflns_obs                     9809 
_refine.ls_number_reflns_all                     ? 
_refine.pdbx_ls_sigma_I                          ? 
_refine.pdbx_ls_sigma_F                          2.0 
_refine.pdbx_data_cutoff_high_absF               ? 
_refine.pdbx_data_cutoff_low_absF                0 
_refine.pdbx_data_cutoff_high_rms_absF           ? 
_refine.ls_d_res_low                             6.0 
_refine.ls_d_res_high                            1.7 
_refine.ls_percent_reflns_obs                    95.0 
_refine.ls_R_factor_obs                          0.2340000 
_refine.ls_R_factor_all                          ? 
_refine.ls_R_factor_R_work                       0.2340000 
_refine.ls_R_factor_R_free                       0.2550000 
_refine.ls_R_factor_R_free_error                 ? 
_refine.ls_R_factor_R_free_error_details         ? 
_refine.ls_percent_reflns_R_free                 10 
_refine.ls_number_reflns_R_free                  1016 
_refine.ls_number_parameters                     ? 
_refine.ls_number_restraints                     ? 
_refine.occupancy_min                            ? 
_refine.occupancy_max                            ? 
_refine.B_iso_mean                               ? 
_refine.aniso_B[1][1]                            ? 
_refine.aniso_B[2][2]                            ? 
_refine.aniso_B[3][3]                            ? 
_refine.aniso_B[1][2]                            ? 
_refine.aniso_B[1][3]                            ? 
_refine.aniso_B[2][3]                            ? 
_refine.solvent_model_details                    ? 
_refine.solvent_model_param_ksol                 ? 
_refine.solvent_model_param_bsol                 ? 
_refine.pdbx_ls_cross_valid_method               ? 
_refine.details                                  ? 
_refine.pdbx_starting_model                      'POPLAR PLASTOCYANIN' 
_refine.pdbx_method_to_determine_struct          'MOLECULAR REPLACEMENT' 
_refine.pdbx_isotropic_thermal_model             ? 
_refine.pdbx_stereochemistry_target_values       ? 
_refine.pdbx_stereochem_target_val_spec_case     ? 
_refine.pdbx_R_Free_selection_details            ? 
_refine.pdbx_overall_ESU_R                       ? 
_refine.pdbx_overall_ESU_R_Free                  ? 
_refine.overall_SU_ML                            ? 
_refine.overall_SU_B                             ? 
_refine.pdbx_refine_id                           'X-RAY DIFFRACTION' 
_refine.pdbx_diffrn_id                           1 
_refine.pdbx_TLS_residual_ADP_flag               ? 
_refine.correlation_coeff_Fo_to_Fc               ? 
_refine.correlation_coeff_Fo_to_Fc_free          ? 
_refine.pdbx_solvent_vdw_probe_radii             ? 
_refine.pdbx_solvent_ion_probe_radii             ? 
_refine.pdbx_solvent_shrinkage_radii             ? 
_refine.pdbx_overall_phase_error                 ? 
_refine.overall_SU_R_Cruickshank_DPI             ? 
_refine.pdbx_overall_SU_R_free_Cruickshank_DPI   ? 
_refine.pdbx_overall_SU_R_Blow_DPI               ? 
_refine.pdbx_overall_SU_R_free_Blow_DPI          ? 
# 
_refine_analyze.entry_id                        1KDJ 
_refine_analyze.Luzzati_coordinate_error_obs    0.20 
_refine_analyze.Luzzati_sigma_a_obs             ? 
_refine_analyze.Luzzati_d_res_low_obs           ? 
_refine_analyze.Luzzati_coordinate_error_free   ? 
_refine_analyze.Luzzati_sigma_a_free            ? 
_refine_analyze.Luzzati_d_res_low_free          ? 
_refine_analyze.number_disordered_residues      ? 
_refine_analyze.occupancy_sum_hydrogen          ? 
_refine_analyze.occupancy_sum_non_hydrogen      ? 
_refine_analyze.pdbx_refine_id                  'X-RAY DIFFRACTION' 
# 
_refine_hist.pdbx_refine_id                   'X-RAY DIFFRACTION' 
_refine_hist.cycle_id                         LAST 
_refine_hist.pdbx_number_atoms_protein        758 
_refine_hist.pdbx_number_atoms_nucleic_acid   0 
_refine_hist.pdbx_number_atoms_ligand         1 
_refine_hist.number_atoms_solvent             49 
_refine_hist.number_atoms_total               808 
_refine_hist.d_res_high                       1.7 
_refine_hist.d_res_low                        6.0 
# 
loop_
_refine_ls_restr.type 
_refine_ls_restr.dev_ideal 
_refine_ls_restr.dev_ideal_target 
_refine_ls_restr.weight 
_refine_ls_restr.number 
_refine_ls_restr.pdbx_refine_id 
_refine_ls_restr.pdbx_restraint_function 
x_bond_d                0.013 ? ? ? 'X-RAY DIFFRACTION' ? 
x_bond_d_na             ?     ? ? ? 'X-RAY DIFFRACTION' ? 
x_bond_d_prot           ?     ? ? ? 'X-RAY DIFFRACTION' ? 
x_angle_d               ?     ? ? ? 'X-RAY DIFFRACTION' ? 
x_angle_d_na            ?     ? ? ? 'X-RAY DIFFRACTION' ? 
x_angle_d_prot          ?     ? ? ? 'X-RAY DIFFRACTION' ? 
x_angle_deg             2.78  ? ? ? 'X-RAY DIFFRACTION' ? 
x_angle_deg_na          ?     ? ? ? 'X-RAY DIFFRACTION' ? 
x_angle_deg_prot        ?     ? ? ? 'X-RAY DIFFRACTION' ? 
x_dihedral_angle_d      27.40 ? ? ? 'X-RAY DIFFRACTION' ? 
x_dihedral_angle_d_na   ?     ? ? ? 'X-RAY DIFFRACTION' ? 
x_dihedral_angle_d_prot ?     ? ? ? 'X-RAY DIFFRACTION' ? 
x_improper_angle_d      1.75  ? ? ? 'X-RAY DIFFRACTION' ? 
x_improper_angle_d_na   ?     ? ? ? 'X-RAY DIFFRACTION' ? 
x_improper_angle_d_prot ?     ? ? ? 'X-RAY DIFFRACTION' ? 
x_mcbond_it             ?     ? ? ? 'X-RAY DIFFRACTION' ? 
x_mcangle_it            ?     ? ? ? 'X-RAY DIFFRACTION' ? 
x_scbond_it             ?     ? ? ? 'X-RAY DIFFRACTION' ? 
x_scangle_it            ?     ? ? ? 'X-RAY DIFFRACTION' ? 
# 
_refine_ls_shell.pdbx_total_number_of_bins_used   8 
_refine_ls_shell.d_res_high                       1.70 
_refine_ls_shell.d_res_low                        1.78 
_refine_ls_shell.number_reflns_R_work             891 
_refine_ls_shell.R_factor_R_work                  0.3400000 
_refine_ls_shell.percent_reflns_obs               83.0 
_refine_ls_shell.R_factor_R_free                  0.3650000 
_refine_ls_shell.R_factor_R_free_error            ? 
_refine_ls_shell.percent_reflns_R_free            10 
_refine_ls_shell.number_reflns_R_free             117 
_refine_ls_shell.pdbx_refine_id                   'X-RAY DIFFRACTION' 
_refine_ls_shell.number_reflns_all                ? 
_refine_ls_shell.R_factor_all                     ? 
# 
_struct.entry_id                  1KDJ 
_struct.title                     'OXIDIZED FORM OF PLASTOCYANIN FROM DRYOPTERIS CRASSIRHIZOMA' 
_struct.pdbx_model_details        ? 
_struct.pdbx_CASP_flag            ? 
_struct.pdbx_model_type_details   ? 
# 
_struct_keywords.entry_id        1KDJ 
_struct_keywords.pdbx_keywords   'ELECTRON TRANSFER' 
_struct_keywords.text            'ELECTRON TRANSFER, PHOTOSYSTEM, PAI-PAI STACKING' 
# 
loop_
_struct_asym.id 
_struct_asym.pdbx_blank_PDB_chainid_flag 
_struct_asym.pdbx_modified 
_struct_asym.entity_id 
_struct_asym.details 
A N N 1 ? 
B N N 2 ? 
C N N 3 ? 
# 
_struct_ref.id                         1 
_struct_ref.db_name                    UNP 
_struct_ref.db_code                    PLAS_DRYCA 
_struct_ref.pdbx_db_accession          Q7SIB8 
_struct_ref.entity_id                  1 
_struct_ref.pdbx_align_begin           1 
_struct_ref.pdbx_db_isoform            ? 
_struct_ref.pdbx_seq_one_letter_code   ? 
# 
_struct_ref_seq.align_id                      1 
_struct_ref_seq.ref_id                        1 
_struct_ref_seq.pdbx_PDB_id_code              1KDJ 
_struct_ref_seq.pdbx_strand_id                A 
_struct_ref_seq.seq_align_beg                 1 
_struct_ref_seq.pdbx_seq_align_beg_ins_code   ? 
_struct_ref_seq.seq_align_end                 102 
_struct_ref_seq.pdbx_seq_align_end_ins_code   ? 
_struct_ref_seq.pdbx_db_accession             Q7SIB8 
_struct_ref_seq.db_align_beg                  1 
_struct_ref_seq.pdbx_db_align_beg_ins_code    ? 
_struct_ref_seq.db_align_end                  102 
_struct_ref_seq.pdbx_db_align_end_ins_code    ? 
_struct_ref_seq.pdbx_auth_seq_align_beg       1 
_struct_ref_seq.pdbx_auth_seq_align_end       102 
# 
_pdbx_struct_assembly.id                   1 
_pdbx_struct_assembly.details              author_defined_assembly 
_pdbx_struct_assembly.method_details       ? 
_pdbx_struct_assembly.oligomeric_details   monomeric 
_pdbx_struct_assembly.oligomeric_count     1 
# 
_pdbx_struct_assembly_gen.assembly_id       1 
_pdbx_struct_assembly_gen.oper_expression   1 
_pdbx_struct_assembly_gen.asym_id_list      A,B,C 
# 
_pdbx_struct_oper_list.id                   1 
_pdbx_struct_oper_list.type                 'identity operation' 
_pdbx_struct_oper_list.name                 1_555 
_pdbx_struct_oper_list.symmetry_operation   x,y,z 
_pdbx_struct_oper_list.matrix[1][1]         1.0000000000 
_pdbx_struct_oper_list.matrix[1][2]         0.0000000000 
_pdbx_struct_oper_list.matrix[1][3]         0.0000000000 
_pdbx_struct_oper_list.vector[1]            0.0000000000 
_pdbx_struct_oper_list.matrix[2][1]         0.0000000000 
_pdbx_struct_oper_list.matrix[2][2]         1.0000000000 
_pdbx_struct_oper_list.matrix[2][3]         0.0000000000 
_pdbx_struct_oper_list.vector[2]            0.0000000000 
_pdbx_struct_oper_list.matrix[3][1]         0.0000000000 
_pdbx_struct_oper_list.matrix[3][2]         0.0000000000 
_pdbx_struct_oper_list.matrix[3][3]         1.0000000000 
_pdbx_struct_oper_list.vector[3]            0.0000000000 
# 
_struct_biol.id   1 
# 
loop_
_struct_conf.conf_type_id 
_struct_conf.id 
_struct_conf.pdbx_PDB_helix_id 
_struct_conf.beg_label_comp_id 
_struct_conf.beg_label_asym_id 
_struct_conf.beg_label_seq_id 
_struct_conf.pdbx_beg_PDB_ins_code 
_struct_conf.end_label_comp_id 
_struct_conf.end_label_asym_id 
_struct_conf.end_label_seq_id 
_struct_conf.pdbx_end_PDB_ins_code 
_struct_conf.beg_auth_comp_id 
_struct_conf.beg_auth_asym_id 
_struct_conf.beg_auth_seq_id 
_struct_conf.end_auth_comp_id 
_struct_conf.end_auth_asym_id 
_struct_conf.end_auth_seq_id 
_struct_conf.pdbx_PDB_helix_class 
_struct_conf.details 
_struct_conf.pdbx_PDB_helix_length 
HELX_P HELX_P1 1 GLY A 49 ? ALA A 57 ? GLY A 49 ALA A 57 1 ? 9 
HELX_P HELX_P2 2 LYS A 91 ? ALA A 93 ? LYS A 91 ALA A 93 5 ? 3 
# 
_struct_conf_type.id          HELX_P 
_struct_conf_type.criteria    ? 
_struct_conf_type.reference   ? 
# 
loop_
_struct_conn.id 
_struct_conn.conn_type_id 
_struct_conn.pdbx_leaving_atom_flag 
_struct_conn.pdbx_PDB_id 
_struct_conn.ptnr1_label_asym_id 
_struct_conn.ptnr1_label_comp_id 
_struct_conn.ptnr1_label_seq_id 
_struct_conn.ptnr1_label_atom_id 
_struct_conn.pdbx_ptnr1_label_alt_id 
_struct_conn.pdbx_ptnr1_PDB_ins_code 
_struct_conn.pdbx_ptnr1_standard_comp_id 
_struct_conn.ptnr1_symmetry 
_struct_conn.ptnr2_label_asym_id 
_struct_conn.ptnr2_label_comp_id 
_struct_conn.ptnr2_label_seq_id 
_struct_conn.ptnr2_label_atom_id 
_struct_conn.pdbx_ptnr2_label_alt_id 
_struct_conn.pdbx_ptnr2_PDB_ins_code 
_struct_conn.ptnr1_auth_asym_id 
_struct_conn.ptnr1_auth_comp_id 
_struct_conn.ptnr1_auth_seq_id 
_struct_conn.ptnr2_auth_asym_id 
_struct_conn.ptnr2_auth_comp_id 
_struct_conn.ptnr2_auth_seq_id 
_struct_conn.ptnr2_symmetry 
_struct_conn.pdbx_ptnr3_label_atom_id 
_struct_conn.pdbx_ptnr3_label_seq_id 
_struct_conn.pdbx_ptnr3_label_comp_id 
_struct_conn.pdbx_ptnr3_label_asym_id 
_struct_conn.pdbx_ptnr3_label_alt_id 
_struct_conn.pdbx_ptnr3_PDB_ins_code 
_struct_conn.details 
_struct_conn.pdbx_dist_value 
_struct_conn.pdbx_value_order 
_struct_conn.pdbx_role 
metalc1 metalc ? ? A HIS 37 ND1 ? ? ? 1_555 B CU . CU ? ? A HIS 37 A CU 103 1_555 ? ? ? ? ? ? ? 1.928 ? ? 
metalc2 metalc ? ? A CYS 87 SG  ? ? ? 1_555 B CU . CU ? ? A CYS 87 A CU 103 1_555 ? ? ? ? ? ? ? 2.255 ? ? 
metalc3 metalc ? ? A HIS 90 ND1 ? ? ? 1_555 B CU . CU ? ? A HIS 90 A CU 103 1_555 ? ? ? ? ? ? ? 2.065 ? ? 
# 
_struct_conn_type.id          metalc 
_struct_conn_type.criteria    ? 
_struct_conn_type.reference   ? 
# 
loop_
_pdbx_struct_conn_angle.id 
_pdbx_struct_conn_angle.ptnr1_label_atom_id 
_pdbx_struct_conn_angle.ptnr1_label_alt_id 
_pdbx_struct_conn_angle.ptnr1_label_asym_id 
_pdbx_struct_conn_angle.ptnr1_label_comp_id 
_pdbx_struct_conn_angle.ptnr1_label_seq_id 
_pdbx_struct_conn_angle.ptnr1_auth_atom_id 
_pdbx_struct_conn_angle.ptnr1_auth_asym_id 
_pdbx_struct_conn_angle.ptnr1_auth_comp_id 
_pdbx_struct_conn_angle.ptnr1_auth_seq_id 
_pdbx_struct_conn_angle.ptnr1_PDB_ins_code 
_pdbx_struct_conn_angle.ptnr1_symmetry 
_pdbx_struct_conn_angle.ptnr2_label_atom_id 
_pdbx_struct_conn_angle.ptnr2_label_alt_id 
_pdbx_struct_conn_angle.ptnr2_label_asym_id 
_pdbx_struct_conn_angle.ptnr2_label_comp_id 
_pdbx_struct_conn_angle.ptnr2_label_seq_id 
_pdbx_struct_conn_angle.ptnr2_auth_atom_id 
_pdbx_struct_conn_angle.ptnr2_auth_asym_id 
_pdbx_struct_conn_angle.ptnr2_auth_comp_id 
_pdbx_struct_conn_angle.ptnr2_auth_seq_id 
_pdbx_struct_conn_angle.ptnr2_PDB_ins_code 
_pdbx_struct_conn_angle.ptnr2_symmetry 
_pdbx_struct_conn_angle.ptnr3_label_atom_id 
_pdbx_struct_conn_angle.ptnr3_label_alt_id 
_pdbx_struct_conn_angle.ptnr3_label_asym_id 
_pdbx_struct_conn_angle.ptnr3_label_comp_id 
_pdbx_struct_conn_angle.ptnr3_label_seq_id 
_pdbx_struct_conn_angle.ptnr3_auth_atom_id 
_pdbx_struct_conn_angle.ptnr3_auth_asym_id 
_pdbx_struct_conn_angle.ptnr3_auth_comp_id 
_pdbx_struct_conn_angle.ptnr3_auth_seq_id 
_pdbx_struct_conn_angle.ptnr3_PDB_ins_code 
_pdbx_struct_conn_angle.ptnr3_symmetry 
_pdbx_struct_conn_angle.value 
_pdbx_struct_conn_angle.value_esd 
1 ND1 ? A HIS 37 ? A HIS 37 ? 1_555 CU ? B CU . ? A CU 103 ? 1_555 SG  ? A CYS 87 ? A CYS 87 ? 1_555 126.1 ? 
2 ND1 ? A HIS 37 ? A HIS 37 ? 1_555 CU ? B CU . ? A CU 103 ? 1_555 ND1 ? A HIS 90 ? A HIS 90 ? 1_555 107.3 ? 
3 SG  ? A CYS 87 ? A CYS 87 ? 1_555 CU ? B CU . ? A CU 103 ? 1_555 ND1 ? A HIS 90 ? A HIS 90 ? 1_555 118.3 ? 
# 
_struct_mon_prot_cis.pdbx_id                1 
_struct_mon_prot_cis.label_comp_id          TYR 
_struct_mon_prot_cis.label_seq_id           15 
_struct_mon_prot_cis.label_asym_id          A 
_struct_mon_prot_cis.label_alt_id           . 
_struct_mon_prot_cis.pdbx_PDB_ins_code      ? 
_struct_mon_prot_cis.auth_comp_id           TYR 
_struct_mon_prot_cis.auth_seq_id            15 
_struct_mon_prot_cis.auth_asym_id           A 
_struct_mon_prot_cis.pdbx_label_comp_id_2   PRO 
_struct_mon_prot_cis.pdbx_label_seq_id_2    16 
_struct_mon_prot_cis.pdbx_label_asym_id_2   A 
_struct_mon_prot_cis.pdbx_PDB_ins_code_2    ? 
_struct_mon_prot_cis.pdbx_auth_comp_id_2    PRO 
_struct_mon_prot_cis.pdbx_auth_seq_id_2     16 
_struct_mon_prot_cis.pdbx_auth_asym_id_2    A 
_struct_mon_prot_cis.pdbx_PDB_model_num     1 
_struct_mon_prot_cis.pdbx_omega_angle       -8.43 
# 
loop_
_struct_sheet.id 
_struct_sheet.type 
_struct_sheet.number_strands 
_struct_sheet.details 
A ? 3 ? 
B ? 3 ? 
# 
loop_
_struct_sheet_order.sheet_id 
_struct_sheet_order.range_id_1 
_struct_sheet_order.range_id_2 
_struct_sheet_order.offset 
_struct_sheet_order.sense 
A 1 2 ? parallel      
A 2 3 ? anti-parallel 
B 1 2 ? parallel      
B 2 3 ? anti-parallel 
# 
loop_
_struct_sheet_range.sheet_id 
_struct_sheet_range.id 
_struct_sheet_range.beg_label_comp_id 
_struct_sheet_range.beg_label_asym_id 
_struct_sheet_range.beg_label_seq_id 
_struct_sheet_range.pdbx_beg_PDB_ins_code 
_struct_sheet_range.end_label_comp_id 
_struct_sheet_range.end_label_asym_id 
_struct_sheet_range.end_label_seq_id 
_struct_sheet_range.pdbx_end_PDB_ins_code 
_struct_sheet_range.beg_auth_comp_id 
_struct_sheet_range.beg_auth_asym_id 
_struct_sheet_range.beg_auth_seq_id 
_struct_sheet_range.end_auth_comp_id 
_struct_sheet_range.end_auth_asym_id 
_struct_sheet_range.end_auth_seq_id 
A 1 LYS A 2  ? VAL A 5   ? LYS A 2  VAL A 5   
A 2 VAL A 27 ? LEU A 31  ? VAL A 27 LEU A 31  
A 3 SER A 72 ? ALA A 75  ? SER A 72 ALA A 75  
B 1 SER A 18 ? VAL A 21  ? SER A 18 VAL A 21  
B 2 LYS A 96 ? VAL A 101 ? LYS A 96 VAL A 101 
B 3 GLY A 81 ? TYR A 86  ? GLY A 81 TYR A 86  
# 
loop_
_pdbx_struct_sheet_hbond.sheet_id 
_pdbx_struct_sheet_hbond.range_id_1 
_pdbx_struct_sheet_hbond.range_id_2 
_pdbx_struct_sheet_hbond.range_1_label_atom_id 
_pdbx_struct_sheet_hbond.range_1_label_comp_id 
_pdbx_struct_sheet_hbond.range_1_label_asym_id 
_pdbx_struct_sheet_hbond.range_1_label_seq_id 
_pdbx_struct_sheet_hbond.range_1_PDB_ins_code 
_pdbx_struct_sheet_hbond.range_1_auth_atom_id 
_pdbx_struct_sheet_hbond.range_1_auth_comp_id 
_pdbx_struct_sheet_hbond.range_1_auth_asym_id 
_pdbx_struct_sheet_hbond.range_1_auth_seq_id 
_pdbx_struct_sheet_hbond.range_2_label_atom_id 
_pdbx_struct_sheet_hbond.range_2_label_comp_id 
_pdbx_struct_sheet_hbond.range_2_label_asym_id 
_pdbx_struct_sheet_hbond.range_2_label_seq_id 
_pdbx_struct_sheet_hbond.range_2_PDB_ins_code 
_pdbx_struct_sheet_hbond.range_2_auth_atom_id 
_pdbx_struct_sheet_hbond.range_2_auth_comp_id 
_pdbx_struct_sheet_hbond.range_2_auth_asym_id 
_pdbx_struct_sheet_hbond.range_2_auth_seq_id 
A 1 2 O VAL A 3  ? O VAL A 3  N GLU A 28 ? N GLU A 28 
A 2 3 O VAL A 27 ? O VAL A 27 N ALA A 75 ? N ALA A 75 
B 1 2 O ILE A 19 ? O ILE A 19 N THR A 98 ? N THR A 98 
B 2 3 O GLY A 97 ? O GLY A 97 N PHE A 85 ? N PHE A 85 
# 
_struct_site.id                   AC1 
_struct_site.pdbx_evidence_code   Software 
_struct_site.pdbx_auth_asym_id    A 
_struct_site.pdbx_auth_comp_id    CU 
_struct_site.pdbx_auth_seq_id     103 
_struct_site.pdbx_auth_ins_code   ? 
_struct_site.pdbx_num_residues    4 
_struct_site.details              'BINDING SITE FOR RESIDUE CU A 103' 
# 
loop_
_struct_site_gen.id 
_struct_site_gen.site_id 
_struct_site_gen.pdbx_num_res 
_struct_site_gen.label_comp_id 
_struct_site_gen.label_asym_id 
_struct_site_gen.label_seq_id 
_struct_site_gen.pdbx_auth_ins_code 
_struct_site_gen.auth_comp_id 
_struct_site_gen.auth_asym_id 
_struct_site_gen.auth_seq_id 
_struct_site_gen.label_atom_id 
_struct_site_gen.label_alt_id 
_struct_site_gen.symmetry 
_struct_site_gen.details 
1 AC1 4 HIS A 37 ? HIS A 37 . ? 1_555 ? 
2 AC1 4 CYS A 87 ? CYS A 87 . ? 1_555 ? 
3 AC1 4 HIS A 90 ? HIS A 90 . ? 1_555 ? 
4 AC1 4 MET A 95 ? MET A 95 . ? 1_555 ? 
# 
_pdbx_validate_rmsd_angle.id                         1 
_pdbx_validate_rmsd_angle.PDB_model_num              1 
_pdbx_validate_rmsd_angle.auth_atom_id_1             CE1 
_pdbx_validate_rmsd_angle.auth_asym_id_1             A 
_pdbx_validate_rmsd_angle.auth_comp_id_1             HIS 
_pdbx_validate_rmsd_angle.auth_seq_id_1              90 
_pdbx_validate_rmsd_angle.PDB_ins_code_1             ? 
_pdbx_validate_rmsd_angle.label_alt_id_1             ? 
_pdbx_validate_rmsd_angle.auth_atom_id_2             NE2 
_pdbx_validate_rmsd_angle.auth_asym_id_2             A 
_pdbx_validate_rmsd_angle.auth_comp_id_2             HIS 
_pdbx_validate_rmsd_angle.auth_seq_id_2              90 
_pdbx_validate_rmsd_angle.PDB_ins_code_2             ? 
_pdbx_validate_rmsd_angle.label_alt_id_2             ? 
_pdbx_validate_rmsd_angle.auth_atom_id_3             CD2 
_pdbx_validate_rmsd_angle.auth_asym_id_3             A 
_pdbx_validate_rmsd_angle.auth_comp_id_3             HIS 
_pdbx_validate_rmsd_angle.auth_seq_id_3              90 
_pdbx_validate_rmsd_angle.PDB_ins_code_3             ? 
_pdbx_validate_rmsd_angle.label_alt_id_3             ? 
_pdbx_validate_rmsd_angle.angle_value                113.52 
_pdbx_validate_rmsd_angle.angle_target_value         109.00 
_pdbx_validate_rmsd_angle.angle_deviation            4.52 
_pdbx_validate_rmsd_angle.angle_standard_deviation   0.70 
_pdbx_validate_rmsd_angle.linker_flag                N 
# 
_pdbx_validate_torsion.id              1 
_pdbx_validate_torsion.PDB_model_num   1 
_pdbx_validate_torsion.auth_comp_id    GLU 
_pdbx_validate_torsion.auth_asym_id    A 
_pdbx_validate_torsion.auth_seq_id     62 
_pdbx_validate_torsion.PDB_ins_code    ? 
_pdbx_validate_torsion.label_alt_id    ? 
_pdbx_validate_torsion.phi             -64.32 
_pdbx_validate_torsion.psi             4.28 
# 
loop_
_chem_comp_atom.comp_id 
_chem_comp_atom.atom_id 
_chem_comp_atom.type_symbol 
_chem_comp_atom.pdbx_aromatic_flag 
_chem_comp_atom.pdbx_stereo_config 
_chem_comp_atom.pdbx_ordinal 
ALA N    N  N N 1   
ALA CA   C  N S 2   
ALA C    C  N N 3   
ALA O    O  N N 4   
ALA CB   C  N N 5   
ALA OXT  O  N N 6   
ALA H    H  N N 7   
ALA H2   H  N N 8   
ALA HA   H  N N 9   
ALA HB1  H  N N 10  
ALA HB2  H  N N 11  
ALA HB3  H  N N 12  
ALA HXT  H  N N 13  
ASN N    N  N N 14  
ASN CA   C  N S 15  
ASN C    C  N N 16  
ASN O    O  N N 17  
ASN CB   C  N N 18  
ASN CG   C  N N 19  
ASN OD1  O  N N 20  
ASN ND2  N  N N 21  
ASN OXT  O  N N 22  
ASN H    H  N N 23  
ASN H2   H  N N 24  
ASN HA   H  N N 25  
ASN HB2  H  N N 26  
ASN HB3  H  N N 27  
ASN HD21 H  N N 28  
ASN HD22 H  N N 29  
ASN HXT  H  N N 30  
ASP N    N  N N 31  
ASP CA   C  N S 32  
ASP C    C  N N 33  
ASP O    O  N N 34  
ASP CB   C  N N 35  
ASP CG   C  N N 36  
ASP OD1  O  N N 37  
ASP OD2  O  N N 38  
ASP OXT  O  N N 39  
ASP H    H  N N 40  
ASP H2   H  N N 41  
ASP HA   H  N N 42  
ASP HB2  H  N N 43  
ASP HB3  H  N N 44  
ASP HD2  H  N N 45  
ASP HXT  H  N N 46  
CU  CU   CU N N 47  
CYS N    N  N N 48  
CYS CA   C  N R 49  
CYS C    C  N N 50  
CYS O    O  N N 51  
CYS CB   C  N N 52  
CYS SG   S  N N 53  
CYS OXT  O  N N 54  
CYS H    H  N N 55  
CYS H2   H  N N 56  
CYS HA   H  N N 57  
CYS HB2  H  N N 58  
CYS HB3  H  N N 59  
CYS HG   H  N N 60  
CYS HXT  H  N N 61  
GLU N    N  N N 62  
GLU CA   C  N S 63  
GLU C    C  N N 64  
GLU O    O  N N 65  
GLU CB   C  N N 66  
GLU CG   C  N N 67  
GLU CD   C  N N 68  
GLU OE1  O  N N 69  
GLU OE2  O  N N 70  
GLU OXT  O  N N 71  
GLU H    H  N N 72  
GLU H2   H  N N 73  
GLU HA   H  N N 74  
GLU HB2  H  N N 75  
GLU HB3  H  N N 76  
GLU HG2  H  N N 77  
GLU HG3  H  N N 78  
GLU HE2  H  N N 79  
GLU HXT  H  N N 80  
GLY N    N  N N 81  
GLY CA   C  N N 82  
GLY C    C  N N 83  
GLY O    O  N N 84  
GLY OXT  O  N N 85  
GLY H    H  N N 86  
GLY H2   H  N N 87  
GLY HA2  H  N N 88  
GLY HA3  H  N N 89  
GLY HXT  H  N N 90  
HIS N    N  N N 91  
HIS CA   C  N S 92  
HIS C    C  N N 93  
HIS O    O  N N 94  
HIS CB   C  N N 95  
HIS CG   C  Y N 96  
HIS ND1  N  Y N 97  
HIS CD2  C  Y N 98  
HIS CE1  C  Y N 99  
HIS NE2  N  Y N 100 
HIS OXT  O  N N 101 
HIS H    H  N N 102 
HIS H2   H  N N 103 
HIS HA   H  N N 104 
HIS HB2  H  N N 105 
HIS HB3  H  N N 106 
HIS HD1  H  N N 107 
HIS HD2  H  N N 108 
HIS HE1  H  N N 109 
HIS HE2  H  N N 110 
HIS HXT  H  N N 111 
HOH O    O  N N 112 
HOH H1   H  N N 113 
HOH H2   H  N N 114 
ILE N    N  N N 115 
ILE CA   C  N S 116 
ILE C    C  N N 117 
ILE O    O  N N 118 
ILE CB   C  N S 119 
ILE CG1  C  N N 120 
ILE CG2  C  N N 121 
ILE CD1  C  N N 122 
ILE OXT  O  N N 123 
ILE H    H  N N 124 
ILE H2   H  N N 125 
ILE HA   H  N N 126 
ILE HB   H  N N 127 
ILE HG12 H  N N 128 
ILE HG13 H  N N 129 
ILE HG21 H  N N 130 
ILE HG22 H  N N 131 
ILE HG23 H  N N 132 
ILE HD11 H  N N 133 
ILE HD12 H  N N 134 
ILE HD13 H  N N 135 
ILE HXT  H  N N 136 
LEU N    N  N N 137 
LEU CA   C  N S 138 
LEU C    C  N N 139 
LEU O    O  N N 140 
LEU CB   C  N N 141 
LEU CG   C  N N 142 
LEU CD1  C  N N 143 
LEU CD2  C  N N 144 
LEU OXT  O  N N 145 
LEU H    H  N N 146 
LEU H2   H  N N 147 
LEU HA   H  N N 148 
LEU HB2  H  N N 149 
LEU HB3  H  N N 150 
LEU HG   H  N N 151 
LEU HD11 H  N N 152 
LEU HD12 H  N N 153 
LEU HD13 H  N N 154 
LEU HD21 H  N N 155 
LEU HD22 H  N N 156 
LEU HD23 H  N N 157 
LEU HXT  H  N N 158 
LYS N    N  N N 159 
LYS CA   C  N S 160 
LYS C    C  N N 161 
LYS O    O  N N 162 
LYS CB   C  N N 163 
LYS CG   C  N N 164 
LYS CD   C  N N 165 
LYS CE   C  N N 166 
LYS NZ   N  N N 167 
LYS OXT  O  N N 168 
LYS H    H  N N 169 
LYS H2   H  N N 170 
LYS HA   H  N N 171 
LYS HB2  H  N N 172 
LYS HB3  H  N N 173 
LYS HG2  H  N N 174 
LYS HG3  H  N N 175 
LYS HD2  H  N N 176 
LYS HD3  H  N N 177 
LYS HE2  H  N N 178 
LYS HE3  H  N N 179 
LYS HZ1  H  N N 180 
LYS HZ2  H  N N 181 
LYS HZ3  H  N N 182 
LYS HXT  H  N N 183 
MET N    N  N N 184 
MET CA   C  N S 185 
MET C    C  N N 186 
MET O    O  N N 187 
MET CB   C  N N 188 
MET CG   C  N N 189 
MET SD   S  N N 190 
MET CE   C  N N 191 
MET OXT  O  N N 192 
MET H    H  N N 193 
MET H2   H  N N 194 
MET HA   H  N N 195 
MET HB2  H  N N 196 
MET HB3  H  N N 197 
MET HG2  H  N N 198 
MET HG3  H  N N 199 
MET HE1  H  N N 200 
MET HE2  H  N N 201 
MET HE3  H  N N 202 
MET HXT  H  N N 203 
PHE N    N  N N 204 
PHE CA   C  N S 205 
PHE C    C  N N 206 
PHE O    O  N N 207 
PHE CB   C  N N 208 
PHE CG   C  Y N 209 
PHE CD1  C  Y N 210 
PHE CD2  C  Y N 211 
PHE CE1  C  Y N 212 
PHE CE2  C  Y N 213 
PHE CZ   C  Y N 214 
PHE OXT  O  N N 215 
PHE H    H  N N 216 
PHE H2   H  N N 217 
PHE HA   H  N N 218 
PHE HB2  H  N N 219 
PHE HB3  H  N N 220 
PHE HD1  H  N N 221 
PHE HD2  H  N N 222 
PHE HE1  H  N N 223 
PHE HE2  H  N N 224 
PHE HZ   H  N N 225 
PHE HXT  H  N N 226 
PRO N    N  N N 227 
PRO CA   C  N S 228 
PRO C    C  N N 229 
PRO O    O  N N 230 
PRO CB   C  N N 231 
PRO CG   C  N N 232 
PRO CD   C  N N 233 
PRO OXT  O  N N 234 
PRO H    H  N N 235 
PRO HA   H  N N 236 
PRO HB2  H  N N 237 
PRO HB3  H  N N 238 
PRO HG2  H  N N 239 
PRO HG3  H  N N 240 
PRO HD2  H  N N 241 
PRO HD3  H  N N 242 
PRO HXT  H  N N 243 
SER N    N  N N 244 
SER CA   C  N S 245 
SER C    C  N N 246 
SER O    O  N N 247 
SER CB   C  N N 248 
SER OG   O  N N 249 
SER OXT  O  N N 250 
SER H    H  N N 251 
SER H2   H  N N 252 
SER HA   H  N N 253 
SER HB2  H  N N 254 
SER HB3  H  N N 255 
SER HG   H  N N 256 
SER HXT  H  N N 257 
THR N    N  N N 258 
THR CA   C  N S 259 
THR C    C  N N 260 
THR O    O  N N 261 
THR CB   C  N R 262 
THR OG1  O  N N 263 
THR CG2  C  N N 264 
THR OXT  O  N N 265 
THR H    H  N N 266 
THR H2   H  N N 267 
THR HA   H  N N 268 
THR HB   H  N N 269 
THR HG1  H  N N 270 
THR HG21 H  N N 271 
THR HG22 H  N N 272 
THR HG23 H  N N 273 
THR HXT  H  N N 274 
TYR N    N  N N 275 
TYR CA   C  N S 276 
TYR C    C  N N 277 
TYR O    O  N N 278 
TYR CB   C  N N 279 
TYR CG   C  Y N 280 
TYR CD1  C  Y N 281 
TYR CD2  C  Y N 282 
TYR CE1  C  Y N 283 
TYR CE2  C  Y N 284 
TYR CZ   C  Y N 285 
TYR OH   O  N N 286 
TYR OXT  O  N N 287 
TYR H    H  N N 288 
TYR H2   H  N N 289 
TYR HA   H  N N 290 
TYR HB2  H  N N 291 
TYR HB3  H  N N 292 
TYR HD1  H  N N 293 
TYR HD2  H  N N 294 
TYR HE1  H  N N 295 
TYR HE2  H  N N 296 
TYR HH   H  N N 297 
TYR HXT  H  N N 298 
VAL N    N  N N 299 
VAL CA   C  N S 300 
VAL C    C  N N 301 
VAL O    O  N N 302 
VAL CB   C  N N 303 
VAL CG1  C  N N 304 
VAL CG2  C  N N 305 
VAL OXT  O  N N 306 
VAL H    H  N N 307 
VAL H2   H  N N 308 
VAL HA   H  N N 309 
VAL HB   H  N N 310 
VAL HG11 H  N N 311 
VAL HG12 H  N N 312 
VAL HG13 H  N N 313 
VAL HG21 H  N N 314 
VAL HG22 H  N N 315 
VAL HG23 H  N N 316 
VAL HXT  H  N N 317 
# 
loop_
_chem_comp_bond.comp_id 
_chem_comp_bond.atom_id_1 
_chem_comp_bond.atom_id_2 
_chem_comp_bond.value_order 
_chem_comp_bond.pdbx_aromatic_flag 
_chem_comp_bond.pdbx_stereo_config 
_chem_comp_bond.pdbx_ordinal 
ALA N   CA   sing N N 1   
ALA N   H    sing N N 2   
ALA N   H2   sing N N 3   
ALA CA  C    sing N N 4   
ALA CA  CB   sing N N 5   
ALA CA  HA   sing N N 6   
ALA C   O    doub N N 7   
ALA C   OXT  sing N N 8   
ALA CB  HB1  sing N N 9   
ALA CB  HB2  sing N N 10  
ALA CB  HB3  sing N N 11  
ALA OXT HXT  sing N N 12  
ASN N   CA   sing N N 13  
ASN N   H    sing N N 14  
ASN N   H2   sing N N 15  
ASN CA  C    sing N N 16  
ASN CA  CB   sing N N 17  
ASN CA  HA   sing N N 18  
ASN C   O    doub N N 19  
ASN C   OXT  sing N N 20  
ASN CB  CG   sing N N 21  
ASN CB  HB2  sing N N 22  
ASN CB  HB3  sing N N 23  
ASN CG  OD1  doub N N 24  
ASN CG  ND2  sing N N 25  
ASN ND2 HD21 sing N N 26  
ASN ND2 HD22 sing N N 27  
ASN OXT HXT  sing N N 28  
ASP N   CA   sing N N 29  
ASP N   H    sing N N 30  
ASP N   H2   sing N N 31  
ASP CA  C    sing N N 32  
ASP CA  CB   sing N N 33  
ASP CA  HA   sing N N 34  
ASP C   O    doub N N 35  
ASP C   OXT  sing N N 36  
ASP CB  CG   sing N N 37  
ASP CB  HB2  sing N N 38  
ASP CB  HB3  sing N N 39  
ASP CG  OD1  doub N N 40  
ASP CG  OD2  sing N N 41  
ASP OD2 HD2  sing N N 42  
ASP OXT HXT  sing N N 43  
CYS N   CA   sing N N 44  
CYS N   H    sing N N 45  
CYS N   H2   sing N N 46  
CYS CA  C    sing N N 47  
CYS CA  CB   sing N N 48  
CYS CA  HA   sing N N 49  
CYS C   O    doub N N 50  
CYS C   OXT  sing N N 51  
CYS CB  SG   sing N N 52  
CYS CB  HB2  sing N N 53  
CYS CB  HB3  sing N N 54  
CYS SG  HG   sing N N 55  
CYS OXT HXT  sing N N 56  
GLU N   CA   sing N N 57  
GLU N   H    sing N N 58  
GLU N   H2   sing N N 59  
GLU CA  C    sing N N 60  
GLU CA  CB   sing N N 61  
GLU CA  HA   sing N N 62  
GLU C   O    doub N N 63  
GLU C   OXT  sing N N 64  
GLU CB  CG   sing N N 65  
GLU CB  HB2  sing N N 66  
GLU CB  HB3  sing N N 67  
GLU CG  CD   sing N N 68  
GLU CG  HG2  sing N N 69  
GLU CG  HG3  sing N N 70  
GLU CD  OE1  doub N N 71  
GLU CD  OE2  sing N N 72  
GLU OE2 HE2  sing N N 73  
GLU OXT HXT  sing N N 74  
GLY N   CA   sing N N 75  
GLY N   H    sing N N 76  
GLY N   H2   sing N N 77  
GLY CA  C    sing N N 78  
GLY CA  HA2  sing N N 79  
GLY CA  HA3  sing N N 80  
GLY C   O    doub N N 81  
GLY C   OXT  sing N N 82  
GLY OXT HXT  sing N N 83  
HIS N   CA   sing N N 84  
HIS N   H    sing N N 85  
HIS N   H2   sing N N 86  
HIS CA  C    sing N N 87  
HIS CA  CB   sing N N 88  
HIS CA  HA   sing N N 89  
HIS C   O    doub N N 90  
HIS C   OXT  sing N N 91  
HIS CB  CG   sing N N 92  
HIS CB  HB2  sing N N 93  
HIS CB  HB3  sing N N 94  
HIS CG  ND1  sing Y N 95  
HIS CG  CD2  doub Y N 96  
HIS ND1 CE1  doub Y N 97  
HIS ND1 HD1  sing N N 98  
HIS CD2 NE2  sing Y N 99  
HIS CD2 HD2  sing N N 100 
HIS CE1 NE2  sing Y N 101 
HIS CE1 HE1  sing N N 102 
HIS NE2 HE2  sing N N 103 
HIS OXT HXT  sing N N 104 
HOH O   H1   sing N N 105 
HOH O   H2   sing N N 106 
ILE N   CA   sing N N 107 
ILE N   H    sing N N 108 
ILE N   H2   sing N N 109 
ILE CA  C    sing N N 110 
ILE CA  CB   sing N N 111 
ILE CA  HA   sing N N 112 
ILE C   O    doub N N 113 
ILE C   OXT  sing N N 114 
ILE CB  CG1  sing N N 115 
ILE CB  CG2  sing N N 116 
ILE CB  HB   sing N N 117 
ILE CG1 CD1  sing N N 118 
ILE CG1 HG12 sing N N 119 
ILE CG1 HG13 sing N N 120 
ILE CG2 HG21 sing N N 121 
ILE CG2 HG22 sing N N 122 
ILE CG2 HG23 sing N N 123 
ILE CD1 HD11 sing N N 124 
ILE CD1 HD12 sing N N 125 
ILE CD1 HD13 sing N N 126 
ILE OXT HXT  sing N N 127 
LEU N   CA   sing N N 128 
LEU N   H    sing N N 129 
LEU N   H2   sing N N 130 
LEU CA  C    sing N N 131 
LEU CA  CB   sing N N 132 
LEU CA  HA   sing N N 133 
LEU C   O    doub N N 134 
LEU C   OXT  sing N N 135 
LEU CB  CG   sing N N 136 
LEU CB  HB2  sing N N 137 
LEU CB  HB3  sing N N 138 
LEU CG  CD1  sing N N 139 
LEU CG  CD2  sing N N 140 
LEU CG  HG   sing N N 141 
LEU CD1 HD11 sing N N 142 
LEU CD1 HD12 sing N N 143 
LEU CD1 HD13 sing N N 144 
LEU CD2 HD21 sing N N 145 
LEU CD2 HD22 sing N N 146 
LEU CD2 HD23 sing N N 147 
LEU OXT HXT  sing N N 148 
LYS N   CA   sing N N 149 
LYS N   H    sing N N 150 
LYS N   H2   sing N N 151 
LYS CA  C    sing N N 152 
LYS CA  CB   sing N N 153 
LYS CA  HA   sing N N 154 
LYS C   O    doub N N 155 
LYS C   OXT  sing N N 156 
LYS CB  CG   sing N N 157 
LYS CB  HB2  sing N N 158 
LYS CB  HB3  sing N N 159 
LYS CG  CD   sing N N 160 
LYS CG  HG2  sing N N 161 
LYS CG  HG3  sing N N 162 
LYS CD  CE   sing N N 163 
LYS CD  HD2  sing N N 164 
LYS CD  HD3  sing N N 165 
LYS CE  NZ   sing N N 166 
LYS CE  HE2  sing N N 167 
LYS CE  HE3  sing N N 168 
LYS NZ  HZ1  sing N N 169 
LYS NZ  HZ2  sing N N 170 
LYS NZ  HZ3  sing N N 171 
LYS OXT HXT  sing N N 172 
MET N   CA   sing N N 173 
MET N   H    sing N N 174 
MET N   H2   sing N N 175 
MET CA  C    sing N N 176 
MET CA  CB   sing N N 177 
MET CA  HA   sing N N 178 
MET C   O    doub N N 179 
MET C   OXT  sing N N 180 
MET CB  CG   sing N N 181 
MET CB  HB2  sing N N 182 
MET CB  HB3  sing N N 183 
MET CG  SD   sing N N 184 
MET CG  HG2  sing N N 185 
MET CG  HG3  sing N N 186 
MET SD  CE   sing N N 187 
MET CE  HE1  sing N N 188 
MET CE  HE2  sing N N 189 
MET CE  HE3  sing N N 190 
MET OXT HXT  sing N N 191 
PHE N   CA   sing N N 192 
PHE N   H    sing N N 193 
PHE N   H2   sing N N 194 
PHE CA  C    sing N N 195 
PHE CA  CB   sing N N 196 
PHE CA  HA   sing N N 197 
PHE C   O    doub N N 198 
PHE C   OXT  sing N N 199 
PHE CB  CG   sing N N 200 
PHE CB  HB2  sing N N 201 
PHE CB  HB3  sing N N 202 
PHE CG  CD1  doub Y N 203 
PHE CG  CD2  sing Y N 204 
PHE CD1 CE1  sing Y N 205 
PHE CD1 HD1  sing N N 206 
PHE CD2 CE2  doub Y N 207 
PHE CD2 HD2  sing N N 208 
PHE CE1 CZ   doub Y N 209 
PHE CE1 HE1  sing N N 210 
PHE CE2 CZ   sing Y N 211 
PHE CE2 HE2  sing N N 212 
PHE CZ  HZ   sing N N 213 
PHE OXT HXT  sing N N 214 
PRO N   CA   sing N N 215 
PRO N   CD   sing N N 216 
PRO N   H    sing N N 217 
PRO CA  C    sing N N 218 
PRO CA  CB   sing N N 219 
PRO CA  HA   sing N N 220 
PRO C   O    doub N N 221 
PRO C   OXT  sing N N 222 
PRO CB  CG   sing N N 223 
PRO CB  HB2  sing N N 224 
PRO CB  HB3  sing N N 225 
PRO CG  CD   sing N N 226 
PRO CG  HG2  sing N N 227 
PRO CG  HG3  sing N N 228 
PRO CD  HD2  sing N N 229 
PRO CD  HD3  sing N N 230 
PRO OXT HXT  sing N N 231 
SER N   CA   sing N N 232 
SER N   H    sing N N 233 
SER N   H2   sing N N 234 
SER CA  C    sing N N 235 
SER CA  CB   sing N N 236 
SER CA  HA   sing N N 237 
SER C   O    doub N N 238 
SER C   OXT  sing N N 239 
SER CB  OG   sing N N 240 
SER CB  HB2  sing N N 241 
SER CB  HB3  sing N N 242 
SER OG  HG   sing N N 243 
SER OXT HXT  sing N N 244 
THR N   CA   sing N N 245 
THR N   H    sing N N 246 
THR N   H2   sing N N 247 
THR CA  C    sing N N 248 
THR CA  CB   sing N N 249 
THR CA  HA   sing N N 250 
THR C   O    doub N N 251 
THR C   OXT  sing N N 252 
THR CB  OG1  sing N N 253 
THR CB  CG2  sing N N 254 
THR CB  HB   sing N N 255 
THR OG1 HG1  sing N N 256 
THR CG2 HG21 sing N N 257 
THR CG2 HG22 sing N N 258 
THR CG2 HG23 sing N N 259 
THR OXT HXT  sing N N 260 
TYR N   CA   sing N N 261 
TYR N   H    sing N N 262 
TYR N   H2   sing N N 263 
TYR CA  C    sing N N 264 
TYR CA  CB   sing N N 265 
TYR CA  HA   sing N N 266 
TYR C   O    doub N N 267 
TYR C   OXT  sing N N 268 
TYR CB  CG   sing N N 269 
TYR CB  HB2  sing N N 270 
TYR CB  HB3  sing N N 271 
TYR CG  CD1  doub Y N 272 
TYR CG  CD2  sing Y N 273 
TYR CD1 CE1  sing Y N 274 
TYR CD1 HD1  sing N N 275 
TYR CD2 CE2  doub Y N 276 
TYR CD2 HD2  sing N N 277 
TYR CE1 CZ   doub Y N 278 
TYR CE1 HE1  sing N N 279 
TYR CE2 CZ   sing Y N 280 
TYR CE2 HE2  sing N N 281 
TYR CZ  OH   sing N N 282 
TYR OH  HH   sing N N 283 
TYR OXT HXT  sing N N 284 
VAL N   CA   sing N N 285 
VAL N   H    sing N N 286 
VAL N   H2   sing N N 287 
VAL CA  C    sing N N 288 
VAL CA  CB   sing N N 289 
VAL CA  HA   sing N N 290 
VAL C   O    doub N N 291 
VAL C   OXT  sing N N 292 
VAL CB  CG1  sing N N 293 
VAL CB  CG2  sing N N 294 
VAL CB  HB   sing N N 295 
VAL CG1 HG11 sing N N 296 
VAL CG1 HG12 sing N N 297 
VAL CG1 HG13 sing N N 298 
VAL CG2 HG21 sing N N 299 
VAL CG2 HG22 sing N N 300 
VAL CG2 HG23 sing N N 301 
VAL OXT HXT  sing N N 302 
# 
_pdbx_initial_refinement_model.accession_code   1PLC 
_pdbx_initial_refinement_model.id               1 
_pdbx_initial_refinement_model.entity_id_list   ? 
_pdbx_initial_refinement_model.type             'experimental model' 
_pdbx_initial_refinement_model.source_name      PDB 
_pdbx_initial_refinement_model.details          'POPLAR PLASTOCYANIN' 
# 
_atom_sites.entry_id                    1KDJ 
_atom_sites.fract_transf_matrix[1][1]   -0.01190328 
_atom_sites.fract_transf_matrix[1][2]   -0.00351046 
_atom_sites.fract_transf_matrix[1][3]   0.00976707 
_atom_sites.fract_transf_matrix[2][1]   0.00175358 
_atom_sites.fract_transf_matrix[2][2]   0.00188370 
_atom_sites.fract_transf_matrix[2][3]   0.01558088 
_atom_sites.fract_transf_matrix[3][1]   -0.01088359 
_atom_sites.fract_transf_matrix[3][2]   0.03016533 
_atom_sites.fract_transf_matrix[3][3]   -0.00242202 
_atom_sites.fract_transf_vector[1]      0.724289 
_atom_sites.fract_transf_vector[2]      0.595051 
_atom_sites.fract_transf_vector[3]      0.000513 
# 
loop_
_atom_type.symbol 
C  
CU 
N  
O  
S  
# 
loop_
_atom_site.group_PDB 
_atom_site.id 
_atom_site.type_symbol 
_atom_site.label_atom_id 
_atom_site.label_alt_id 
_atom_site.label_comp_id 
_atom_site.label_asym_id 
_atom_site.label_entity_id 
_atom_site.label_seq_id 
_atom_site.pdbx_PDB_ins_code 
_atom_site.Cartn_x 
_atom_site.Cartn_y 
_atom_site.Cartn_z 
_atom_site.occupancy 
_atom_site.B_iso_or_equiv 
_atom_site.pdbx_formal_charge 
_atom_site.auth_seq_id 
_atom_site.auth_comp_id 
_atom_site.auth_asym_id 
_atom_site.auth_atom_id 
_atom_site.pdbx_PDB_model_num 
ATOM   1   N  N   . ALA A 1 1   ? -11.328 2.995   -2.473  1.00 16.28 ? 1   ALA A N   1 
ATOM   2   C  CA  . ALA A 1 1   ? -11.367 2.001   -1.422  1.00 13.29 ? 1   ALA A CA  1 
ATOM   3   C  C   . ALA A 1 1   ? -10.572 2.672   -0.327  1.00 16.40 ? 1   ALA A C   1 
ATOM   4   O  O   . ALA A 1 1   ? -9.825  3.606   -0.614  1.00 15.82 ? 1   ALA A O   1 
ATOM   5   C  CB  . ALA A 1 1   ? -10.658 0.726   -1.728  1.00 15.10 ? 1   ALA A CB  1 
ATOM   6   N  N   . LYS A 1 2   ? -10.679 2.273   0.927   1.00 17.94 ? 2   LYS A N   1 
ATOM   7   C  CA  . LYS A 1 2   ? -10.019 2.953   2.035   1.00 17.49 ? 2   LYS A CA  1 
ATOM   8   C  C   . LYS A 1 2   ? -9.306  1.848   2.757   1.00 17.20 ? 2   LYS A C   1 
ATOM   9   O  O   . LYS A 1 2   ? -9.875  0.761   2.946   1.00 17.55 ? 2   LYS A O   1 
ATOM   10  C  CB  . LYS A 1 2   ? -11.007 3.569   2.999   1.00 19.60 ? 2   LYS A CB  1 
ATOM   11  C  CG  . LYS A 1 2   ? -11.945 4.660   2.526   1.00 22.28 ? 2   LYS A CG  1 
ATOM   12  C  CD  . LYS A 1 2   ? -11.218 5.965   2.337   1.00 26.30 ? 2   LYS A CD  1 
ATOM   13  C  CE  . LYS A 1 2   ? -12.195 7.115   2.089   1.00 27.28 ? 2   LYS A CE  1 
ATOM   14  N  NZ  . LYS A 1 2   ? -12.961 6.866   0.882   1.00 32.41 ? 2   LYS A NZ  1 
ATOM   15  N  N   . VAL A 1 3   ? -8.052  2.048   3.170   1.00 15.88 ? 3   VAL A N   1 
ATOM   16  C  CA  . VAL A 1 3   ? -7.334  1.014   3.913   1.00 15.07 ? 3   VAL A CA  1 
ATOM   17  C  C   . VAL A 1 3   ? -6.782  1.778   5.094   1.00 15.22 ? 3   VAL A C   1 
ATOM   18  O  O   . VAL A 1 3   ? -6.357  2.927   4.947   1.00 15.33 ? 3   VAL A O   1 
ATOM   19  C  CB  . VAL A 1 3   ? -6.136  0.388   3.156   1.00 14.95 ? 3   VAL A CB  1 
ATOM   20  C  CG1 . VAL A 1 3   ? -5.366  -0.629  4.013   1.00 12.25 ? 3   VAL A CG1 1 
ATOM   21  C  CG2 . VAL A 1 3   ? -6.692  -0.367  1.930   1.00 15.04 ? 3   VAL A CG2 1 
ATOM   22  N  N   . GLU A 1 4   ? -6.937  1.183   6.275   1.00 15.75 ? 4   GLU A N   1 
ATOM   23  C  CA  . GLU A 1 4   ? -6.361  1.741   7.483   1.00 14.18 ? 4   GLU A CA  1 
ATOM   24  C  C   . GLU A 1 4   ? -5.003  1.086   7.679   1.00 10.47 ? 4   GLU A C   1 
ATOM   25  O  O   . GLU A 1 4   ? -4.809  -0.127  7.541   1.00 11.60 ? 4   GLU A O   1 
ATOM   26  C  CB  . GLU A 1 4   ? -7.281  1.444   8.649   1.00 14.62 ? 4   GLU A CB  1 
ATOM   27  C  CG  . GLU A 1 4   ? -8.515  2.315   8.535   1.00 15.80 ? 4   GLU A CG  1 
ATOM   28  C  CD  . GLU A 1 4   ? -9.473  2.205   9.728   1.00 19.25 ? 4   GLU A CD  1 
ATOM   29  O  OE1 . GLU A 1 4   ? -9.128  1.609   10.746  1.00 17.79 ? 4   GLU A OE1 1 
ATOM   30  O  OE2 . GLU A 1 4   ? -10.577 2.717   9.615   1.00 19.49 ? 4   GLU A OE2 1 
ATOM   31  N  N   . VAL A 1 5   ? -4.025  1.907   8.023   1.00 12.77 ? 5   VAL A N   1 
ATOM   32  C  CA  . VAL A 1 5   ? -2.658  1.449   8.156   1.00 12.48 ? 5   VAL A CA  1 
ATOM   33  C  C   . VAL A 1 5   ? -2.351  1.522   9.661   1.00 12.84 ? 5   VAL A C   1 
ATOM   34  O  O   . VAL A 1 5   ? -2.294  2.639   10.190  1.00 13.68 ? 5   VAL A O   1 
ATOM   35  C  CB  . VAL A 1 5   ? -1.738  2.392   7.358   1.00 14.04 ? 5   VAL A CB  1 
ATOM   36  C  CG1 . VAL A 1 5   ? -0.311  1.870   7.465   1.00 13.89 ? 5   VAL A CG1 1 
ATOM   37  C  CG2 . VAL A 1 5   ? -2.169  2.474   5.894   1.00 14.54 ? 5   VAL A CG2 1 
ATOM   38  N  N   . GLY A 1 6   ? -2.174  0.376   10.283  1.00 13.17 ? 6   GLY A N   1 
ATOM   39  C  CA  . GLY A 1 6   ? -1.876  0.323   11.713  1.00 15.20 ? 6   GLY A CA  1 
ATOM   40  C  C   . GLY A 1 6   ? -3.147  0.531   12.527  1.00 15.88 ? 6   GLY A C   1 
ATOM   41  O  O   . GLY A 1 6   ? -4.262  0.713   12.006  1.00 15.63 ? 6   GLY A O   1 
ATOM   42  N  N   . ASP A 1 7   ? -2.982  0.529   13.843  1.00 16.25 ? 7   ASP A N   1 
ATOM   43  C  CA  . ASP A 1 7   ? -4.101  0.802   14.743  1.00 17.56 ? 7   ASP A CA  1 
ATOM   44  C  C   . ASP A 1 7   ? -3.598  1.569   15.979  1.00 19.91 ? 7   ASP A C   1 
ATOM   45  O  O   . ASP A 1 7   ? -2.399  1.828   16.122  1.00 17.18 ? 7   ASP A O   1 
ATOM   46  C  CB  . ASP A 1 7   ? -4.779  -0.543  15.127  1.00 15.44 ? 7   ASP A CB  1 
ATOM   47  C  CG  . ASP A 1 7   ? -3.916  -1.622  15.724  1.00 16.93 ? 7   ASP A CG  1 
ATOM   48  O  OD1 . ASP A 1 7   ? -2.927  -1.312  16.402  1.00 19.48 ? 7   ASP A OD1 1 
ATOM   49  O  OD2 . ASP A 1 7   ? -4.209  -2.790  15.515  1.00 14.75 ? 7   ASP A OD2 1 
ATOM   50  N  N   . GLU A 1 8   ? -4.490  1.899   16.912  1.00 21.74 ? 8   GLU A N   1 
ATOM   51  C  CA  . GLU A 1 8   ? -4.167  2.585   18.154  1.00 25.57 ? 8   GLU A CA  1 
ATOM   52  C  C   . GLU A 1 8   ? -3.308  1.767   19.095  1.00 25.32 ? 8   GLU A C   1 
ATOM   53  O  O   . GLU A 1 8   ? -2.599  2.352   19.911  1.00 29.32 ? 8   GLU A O   1 
ATOM   54  C  CB  . GLU A 1 8   ? -5.397  2.946   18.948  1.00 28.05 ? 8   GLU A CB  1 
ATOM   55  C  CG  . GLU A 1 8   ? -6.455  3.824   18.313  1.00 34.60 ? 8   GLU A CG  1 
ATOM   56  C  CD  . GLU A 1 8   ? -6.097  5.260   18.012  1.00 37.40 ? 8   GLU A CD  1 
ATOM   57  O  OE1 . GLU A 1 8   ? -4.933  5.563   17.742  1.00 41.18 ? 8   GLU A OE1 1 
ATOM   58  O  OE2 . GLU A 1 8   ? -7.016  6.079   18.041  1.00 39.27 ? 8   GLU A OE2 1 
ATOM   59  N  N   . VAL A 1 9   ? -3.349  0.451   19.025  1.00 24.17 ? 9   VAL A N   1 
ATOM   60  C  CA  . VAL A 1 9   ? -2.577  -0.441  19.857  1.00 25.60 ? 9   VAL A CA  1 
ATOM   61  C  C   . VAL A 1 9   ? -1.171  -0.670  19.298  1.00 26.73 ? 9   VAL A C   1 
ATOM   62  O  O   . VAL A 1 9   ? -0.376  -1.337  19.948  1.00 29.65 ? 9   VAL A O   1 
ATOM   63  C  CB  . VAL A 1 9   ? -3.437  -1.727  19.952  1.00 28.14 ? 9   VAL A CB  1 
ATOM   64  C  CG1 . VAL A 1 9   ? -2.707  -2.922  20.556  1.00 30.08 ? 9   VAL A CG1 1 
ATOM   65  C  CG2 . VAL A 1 9   ? -4.635  -1.387  20.850  1.00 28.39 ? 9   VAL A CG2 1 
ATOM   66  N  N   . GLY A 1 10  ? -0.757  -0.198  18.117  1.00 25.24 ? 10  GLY A N   1 
ATOM   67  C  CA  . GLY A 1 10  ? 0.606   -0.446  17.614  1.00 23.30 ? 10  GLY A CA  1 
ATOM   68  C  C   . GLY A 1 10  ? 0.883   -1.787  16.920  1.00 21.78 ? 10  GLY A C   1 
ATOM   69  O  O   . GLY A 1 10  ? 2.027   -2.259  16.818  1.00 21.24 ? 10  GLY A O   1 
ATOM   70  N  N   . ASN A 1 11  ? -0.156  -2.474  16.433  1.00 19.64 ? 11  ASN A N   1 
ATOM   71  C  CA  . ASN A 1 11  ? 0.025   -3.701  15.671  1.00 18.20 ? 11  ASN A CA  1 
ATOM   72  C  C   . ASN A 1 11  ? 0.530   -3.376  14.268  1.00 14.50 ? 11  ASN A C   1 
ATOM   73  O  O   . ASN A 1 11  ? 0.204   -2.328  13.726  1.00 15.05 ? 11  ASN A O   1 
ATOM   74  C  CB  . ASN A 1 11  ? -1.270  -4.448  15.508  1.00 19.93 ? 11  ASN A CB  1 
ATOM   75  C  CG  . ASN A 1 11  ? -1.691  -5.065  16.805  1.00 21.61 ? 11  ASN A CG  1 
ATOM   76  O  OD1 . ASN A 1 11  ? -0.977  -5.875  17.387  1.00 24.62 ? 11  ASN A OD1 1 
ATOM   77  N  ND2 . ASN A 1 11  ? -2.887  -4.743  17.259  1.00 21.99 ? 11  ASN A ND2 1 
ATOM   78  N  N   . PHE A 1 12  ? 1.296   -4.237  13.649  1.00 14.36 ? 12  PHE A N   1 
ATOM   79  C  CA  . PHE A 1 12  ? 1.836   -3.947  12.328  1.00 14.08 ? 12  PHE A CA  1 
ATOM   80  C  C   . PHE A 1 12  ? 0.922   -4.641  11.290  1.00 13.08 ? 12  PHE A C   1 
ATOM   81  O  O   . PHE A 1 12  ? 1.241   -5.714  10.749  1.00 13.19 ? 12  PHE A O   1 
ATOM   82  C  CB  . PHE A 1 12  ? 3.247   -4.491  12.249  1.00 14.39 ? 12  PHE A CB  1 
ATOM   83  C  CG  . PHE A 1 12  ? 4.216   -4.043  13.352  1.00 14.24 ? 12  PHE A CG  1 
ATOM   84  C  CD1 . PHE A 1 12  ? 4.155   -2.769  13.882  1.00 13.34 ? 12  PHE A CD1 1 
ATOM   85  C  CD2 . PHE A 1 12  ? 5.174   -4.960  13.766  1.00 15.95 ? 12  PHE A CD2 1 
ATOM   86  C  CE1 . PHE A 1 12  ? 5.078   -2.393  14.842  1.00 16.62 ? 12  PHE A CE1 1 
ATOM   87  C  CE2 . PHE A 1 12  ? 6.089   -4.576  14.727  1.00 16.37 ? 12  PHE A CE2 1 
ATOM   88  C  CZ  . PHE A 1 12  ? 6.036   -3.296  15.250  1.00 15.29 ? 12  PHE A CZ  1 
ATOM   89  N  N   . LYS A 1 13  ? -0.220  -4.026  10.999  1.00 14.39 ? 13  LYS A N   1 
ATOM   90  C  CA  . LYS A 1 13  ? -1.220  -4.639  10.136  1.00 14.15 ? 13  LYS A CA  1 
ATOM   91  C  C   . LYS A 1 13  ? -1.901  -3.588  9.307   1.00 10.94 ? 13  LYS A C   1 
ATOM   92  O  O   . LYS A 1 13  ? -2.102  -2.438  9.698   1.00 10.49 ? 13  LYS A O   1 
ATOM   93  C  CB  . LYS A 1 13  ? -2.302  -5.347  10.977  1.00 19.85 ? 13  LYS A CB  1 
ATOM   94  C  CG  . LYS A 1 13  ? -1.992  -6.568  11.839  1.00 29.09 ? 13  LYS A CG  1 
ATOM   95  C  CD  . LYS A 1 13  ? -2.409  -7.774  11.029  1.00 39.19 ? 13  LYS A CD  1 
ATOM   96  C  CE  . LYS A 1 13  ? -2.121  -9.143  11.660  1.00 45.33 ? 13  LYS A CE  1 
ATOM   97  N  NZ  . LYS A 1 13  ? -2.165  -10.180 10.608  1.00 51.42 ? 13  LYS A NZ  1 
ATOM   98  N  N   . PHE A 1 14  ? -2.317  -4.027  8.119   1.00 12.17 ? 14  PHE A N   1 
ATOM   99  C  CA  . PHE A 1 14  ? -3.186  -3.229  7.262   1.00 11.35 ? 14  PHE A CA  1 
ATOM   100 C  C   . PHE A 1 14  ? -4.622  -3.758  7.531   1.00 8.11  ? 14  PHE A C   1 
ATOM   101 O  O   . PHE A 1 14  ? -4.815  -4.960  7.693   1.00 10.31 ? 14  PHE A O   1 
ATOM   102 C  CB  . PHE A 1 14  ? -2.856  -3.434  5.752   1.00 12.16 ? 14  PHE A CB  1 
ATOM   103 C  CG  . PHE A 1 14  ? -1.526  -2.805  5.318   1.00 10.65 ? 14  PHE A CG  1 
ATOM   104 C  CD1 . PHE A 1 14  ? -1.500  -1.440  5.080   1.00 11.42 ? 14  PHE A CD1 1 
ATOM   105 C  CD2 . PHE A 1 14  ? -0.398  -3.615  5.169   1.00 12.78 ? 14  PHE A CD2 1 
ATOM   106 C  CE1 . PHE A 1 14  ? -0.304  -0.855  4.667   1.00 12.09 ? 14  PHE A CE1 1 
ATOM   107 C  CE2 . PHE A 1 14  ? 0.783   -3.020  4.762   1.00 8.55  ? 14  PHE A CE2 1 
ATOM   108 C  CZ  . PHE A 1 14  ? 0.810   -1.659  4.517   1.00 6.95  ? 14  PHE A CZ  1 
ATOM   109 N  N   . TYR A 1 15  ? -5.572  -2.854  7.545   1.00 10.01 ? 15  TYR A N   1 
ATOM   110 C  CA  . TYR A 1 15  ? -6.973  -3.136  7.815   1.00 11.18 ? 15  TYR A CA  1 
ATOM   111 C  C   . TYR A 1 15  ? -7.871  -2.602  6.700   1.00 7.83  ? 15  TYR A C   1 
ATOM   112 O  O   . TYR A 1 15  ? -8.095  -1.382  6.654   1.00 9.10  ? 15  TYR A O   1 
ATOM   113 C  CB  . TYR A 1 15  ? -7.329  -2.484  9.152   1.00 11.18 ? 15  TYR A CB  1 
ATOM   114 C  CG  . TYR A 1 15  ? -6.620  -3.118  10.346  1.00 11.36 ? 15  TYR A CG  1 
ATOM   115 C  CD1 . TYR A 1 15  ? -6.917  -4.406  10.732  1.00 10.00 ? 15  TYR A CD1 1 
ATOM   116 C  CD2 . TYR A 1 15  ? -5.710  -2.349  11.058  1.00 13.35 ? 15  TYR A CD2 1 
ATOM   117 C  CE1 . TYR A 1 15  ? -6.305  -4.944  11.831  1.00 11.82 ? 15  TYR A CE1 1 
ATOM   118 C  CE2 . TYR A 1 15  ? -5.094  -2.883  12.157  1.00 13.13 ? 15  TYR A CE2 1 
ATOM   119 C  CZ  . TYR A 1 15  ? -5.399  -4.173  12.524  1.00 13.49 ? 15  TYR A CZ  1 
ATOM   120 O  OH  . TYR A 1 15  ? -4.798  -4.715  13.627  1.00 16.32 ? 15  TYR A OH  1 
ATOM   121 N  N   . PRO A 1 16  ? -8.460  -3.408  5.792   1.00 8.67  ? 16  PRO A N   1 
ATOM   122 C  CA  . PRO A 1 16  ? -8.216  -4.826  5.615   1.00 10.37 ? 16  PRO A CA  1 
ATOM   123 C  C   . PRO A 1 16  ? -6.897  -5.106  4.902   1.00 11.54 ? 16  PRO A C   1 
ATOM   124 O  O   . PRO A 1 16  ? -6.315  -4.184  4.326   1.00 14.78 ? 16  PRO A O   1 
ATOM   125 C  CB  . PRO A 1 16  ? -9.408  -5.358  4.808   1.00 12.07 ? 16  PRO A CB  1 
ATOM   126 C  CG  . PRO A 1 16  ? -9.685  -4.168  3.932   1.00 10.81 ? 16  PRO A CG  1 
ATOM   127 C  CD  . PRO A 1 16  ? -9.405  -2.913  4.769   1.00 11.90 ? 16  PRO A CD  1 
ATOM   128 N  N   . ASP A 1 17  ? -6.423  -6.347  4.878   1.00 15.05 ? 17  ASP A N   1 
ATOM   129 C  CA  . ASP A 1 17  ? -5.161  -6.619  4.181   1.00 17.41 ? 17  ASP A CA  1 
ATOM   130 C  C   . ASP A 1 17  ? -5.352  -7.214  2.785   1.00 16.75 ? 17  ASP A C   1 
ATOM   131 O  O   . ASP A 1 17  ? -4.393  -7.727  2.227   1.00 15.50 ? 17  ASP A O   1 
ATOM   132 C  CB  . ASP A 1 17  ? -4.301  -7.555  5.044   1.00 18.35 ? 17  ASP A CB  1 
ATOM   133 C  CG  . ASP A 1 17  ? -4.838  -8.949  5.330   1.00 24.17 ? 17  ASP A CG  1 
ATOM   134 O  OD1 . ASP A 1 17  ? -5.918  -9.333  4.865   1.00 28.93 ? 17  ASP A OD1 1 
ATOM   135 O  OD2 . ASP A 1 17  ? -4.157  -9.678  6.040   1.00 27.08 ? 17  ASP A OD2 1 
ATOM   136 N  N   . SER A 1 18  ? -6.593  -7.245  2.282   1.00 17.02 ? 18  SER A N   1 
ATOM   137 C  CA  . SER A 1 18  ? -6.939  -7.709  0.929   1.00 18.84 ? 18  SER A CA  1 
ATOM   138 C  C   . SER A 1 18  ? -8.056  -6.802  0.473   1.00 18.79 ? 18  SER A C   1 
ATOM   139 O  O   . SER A 1 18  ? -9.045  -6.655  1.210   1.00 18.44 ? 18  SER A O   1 
ATOM   140 C  CB  . SER A 1 18  ? -7.462  -9.126  0.921   1.00 21.64 ? 18  SER A CB  1 
ATOM   141 O  OG  . SER A 1 18  ? -6.397  -10.042 1.151   1.00 31.06 ? 18  SER A OG  1 
ATOM   142 N  N   . ILE A 1 19  ? -7.890  -6.102  -0.654  1.00 16.77 ? 19  ILE A N   1 
ATOM   143 C  CA  . ILE A 1 19  ? -8.857  -5.126  -1.120  1.00 18.48 ? 19  ILE A CA  1 
ATOM   144 C  C   . ILE A 1 19  ? -9.028  -5.432  -2.598  1.00 19.50 ? 19  ILE A C   1 
ATOM   145 O  O   . ILE A 1 19  ? -8.057  -5.871  -3.223  1.00 18.43 ? 19  ILE A O   1 
ATOM   146 C  CB  . ILE A 1 19  ? -8.447  -3.625  -1.113  1.00 20.57 ? 19  ILE A CB  1 
ATOM   147 C  CG1 . ILE A 1 19  ? -7.000  -3.362  -0.721  1.00 24.52 ? 19  ILE A CG1 1 
ATOM   148 C  CG2 . ILE A 1 19  ? -9.488  -2.951  -0.251  1.00 23.55 ? 19  ILE A CG2 1 
ATOM   149 C  CD1 . ILE A 1 19  ? -6.475  -3.676  0.710   1.00 24.83 ? 19  ILE A CD1 1 
ATOM   150 N  N   . THR A 1 20  ? -10.237 -5.275  -3.137  1.00 18.04 ? 20  THR A N   1 
ATOM   151 C  CA  . THR A 1 20  ? -10.475 -5.459  -4.554  1.00 18.49 ? 20  THR A CA  1 
ATOM   152 C  C   . THR A 1 20  ? -11.029 -4.152  -5.045  1.00 17.21 ? 20  THR A C   1 
ATOM   153 O  O   . THR A 1 20  ? -11.925 -3.592  -4.406  1.00 18.95 ? 20  THR A O   1 
ATOM   154 C  CB  . THR A 1 20  ? -11.477 -6.581  -4.772  1.00 17.53 ? 20  THR A CB  1 
ATOM   155 O  OG1 . THR A 1 20  ? -10.858 -7.794  -4.361  1.00 18.98 ? 20  THR A OG1 1 
ATOM   156 C  CG2 . THR A 1 20  ? -11.923 -6.649  -6.233  1.00 20.11 ? 20  THR A CG2 1 
ATOM   157 N  N   . VAL A 1 21  ? -10.520 -3.609  -6.152  1.00 15.97 ? 21  VAL A N   1 
ATOM   158 C  CA  . VAL A 1 21  ? -10.948 -2.311  -6.639  1.00 15.91 ? 21  VAL A CA  1 
ATOM   159 C  C   . VAL A 1 21  ? -11.131 -2.441  -8.132  1.00 17.23 ? 21  VAL A C   1 
ATOM   160 O  O   . VAL A 1 21  ? -10.687 -3.417  -8.730  1.00 16.74 ? 21  VAL A O   1 
ATOM   161 C  CB  . VAL A 1 21  ? -9.902  -1.157  -6.398  1.00 18.33 ? 21  VAL A CB  1 
ATOM   162 C  CG1 . VAL A 1 21  ? -9.741  -1.000  -4.881  1.00 18.55 ? 21  VAL A CG1 1 
ATOM   163 C  CG2 . VAL A 1 21  ? -8.532  -1.432  -7.070  1.00 16.62 ? 21  VAL A CG2 1 
ATOM   164 N  N   . SER A 1 22  ? -11.815 -1.453  -8.674  1.00 21.28 ? 22  SER A N   1 
ATOM   165 C  CA  . SER A 1 22  ? -12.003 -1.278  -10.110 1.00 24.55 ? 22  SER A CA  1 
ATOM   166 C  C   . SER A 1 22  ? -10.792 -0.536  -10.699 1.00 24.82 ? 22  SER A C   1 
ATOM   167 O  O   . SER A 1 22  ? -10.142 0.261   -10.002 1.00 24.75 ? 22  SER A O   1 
ATOM   168 C  CB  . SER A 1 22  ? -13.274 -0.446  -10.355 1.00 27.64 ? 22  SER A CB  1 
ATOM   169 O  OG  . SER A 1 22  ? -14.431 -0.959  -9.670  1.00 32.26 ? 22  SER A OG  1 
ATOM   170 N  N   . ALA A 1 23  ? -10.439 -0.777  -11.963 1.00 24.68 ? 23  ALA A N   1 
ATOM   171 C  CA  . ALA A 1 23  ? -9.388  -0.014  -12.639 1.00 24.42 ? 23  ALA A CA  1 
ATOM   172 C  C   . ALA A 1 23  ? -9.455  1.497   -12.443 1.00 23.18 ? 23  ALA A C   1 
ATOM   173 O  O   . ALA A 1 23  ? -10.492 2.127   -12.639 1.00 23.14 ? 23  ALA A O   1 
ATOM   174 C  CB  . ALA A 1 23  ? -9.449  -0.315  -14.137 1.00 23.60 ? 23  ALA A CB  1 
ATOM   175 N  N   . GLY A 1 24  ? -8.380  2.114   -11.937 1.00 25.45 ? 24  GLY A N   1 
ATOM   176 C  CA  . GLY A 1 24  ? -8.382  3.567   -11.761 1.00 24.68 ? 24  GLY A CA  1 
ATOM   177 C  C   . GLY A 1 24  ? -9.119  4.044   -10.498 1.00 25.29 ? 24  GLY A C   1 
ATOM   178 O  O   . GLY A 1 24  ? -9.174  5.253   -10.237 1.00 24.80 ? 24  GLY A O   1 
ATOM   179 N  N   . GLU A 1 25  ? -9.694  3.147   -9.673  1.00 24.90 ? 25  GLU A N   1 
ATOM   180 C  CA  . GLU A 1 25  ? -10.280 3.575   -8.401  1.00 23.83 ? 25  GLU A CA  1 
ATOM   181 C  C   . GLU A 1 25  ? -9.120  3.906   -7.455  1.00 21.17 ? 25  GLU A C   1 
ATOM   182 O  O   . GLU A 1 25  ? -8.182  3.135   -7.321  1.00 21.98 ? 25  GLU A O   1 
ATOM   183 C  CB  . GLU A 1 25  ? -11.149 2.445   -7.810  1.00 24.70 ? 25  GLU A CB  1 
ATOM   184 C  CG  . GLU A 1 25  ? -11.719 2.711   -6.402  1.00 24.61 ? 25  GLU A CG  1 
ATOM   185 C  CD  . GLU A 1 25  ? -12.523 1.579   -5.756  1.00 25.16 ? 25  GLU A CD  1 
ATOM   186 O  OE1 . GLU A 1 25  ? -12.884 0.607   -6.416  1.00 24.10 ? 25  GLU A OE1 1 
ATOM   187 O  OE2 . GLU A 1 25  ? -12.791 1.668   -4.559  1.00 25.16 ? 25  GLU A OE2 1 
ATOM   188 N  N   . ALA A 1 26  ? -9.100  5.057   -6.830  1.00 21.15 ? 26  ALA A N   1 
ATOM   189 C  CA  . ALA A 1 26  ? -8.091  5.360   -5.831  1.00 21.08 ? 26  ALA A CA  1 
ATOM   190 C  C   . ALA A 1 26  ? -8.197  4.475   -4.559  1.00 21.41 ? 26  ALA A C   1 
ATOM   191 O  O   . ALA A 1 26  ? -9.271  4.058   -4.069  1.00 20.36 ? 26  ALA A O   1 
ATOM   192 C  CB  . ALA A 1 26  ? -8.242  6.827   -5.471  1.00 21.05 ? 26  ALA A CB  1 
ATOM   193 N  N   . VAL A 1 27  ? -7.056  4.025   -4.054  1.00 20.93 ? 27  VAL A N   1 
ATOM   194 C  CA  . VAL A 1 27  ? -6.990  3.329   -2.783  1.00 21.49 ? 27  VAL A CA  1 
ATOM   195 C  C   . VAL A 1 27  ? -6.347  4.367   -1.861  1.00 21.57 ? 27  VAL A C   1 
ATOM   196 O  O   . VAL A 1 27  ? -5.243  4.844   -2.143  1.00 21.35 ? 27  VAL A O   1 
ATOM   197 C  CB  . VAL A 1 27  ? -6.127  2.100   -2.889  1.00 20.38 ? 27  VAL A CB  1 
ATOM   198 C  CG1 . VAL A 1 27  ? -6.132  1.344   -1.575  1.00 20.88 ? 27  VAL A CG1 1 
ATOM   199 C  CG2 . VAL A 1 27  ? -6.704  1.172   -3.948  1.00 23.11 ? 27  VAL A CG2 1 
ATOM   200 N  N   . GLU A 1 28  ? -7.065  4.819   -0.831  1.00 20.16 ? 28  GLU A N   1 
ATOM   201 C  CA  . GLU A 1 28  ? -6.541  5.799   0.095   1.00 21.00 ? 28  GLU A CA  1 
ATOM   202 C  C   . GLU A 1 28  ? -6.110  5.045   1.342   1.00 19.31 ? 28  GLU A C   1 
ATOM   203 O  O   . GLU A 1 28  ? -6.915  4.343   1.962   1.00 18.83 ? 28  GLU A O   1 
ATOM   204 C  CB  . GLU A 1 28  ? -7.598  6.794   0.460   1.00 23.80 ? 28  GLU A CB  1 
ATOM   205 C  CG  . GLU A 1 28  ? -7.015  7.992   1.184   1.00 30.85 ? 28  GLU A CG  1 
ATOM   206 C  CD  . GLU A 1 28  ? -8.100  8.891   1.761   1.00 37.79 ? 28  GLU A CD  1 
ATOM   207 O  OE1 . GLU A 1 28  ? -8.976  9.339   1.001   1.00 40.94 ? 28  GLU A OE1 1 
ATOM   208 O  OE2 . GLU A 1 28  ? -8.082  9.128   2.979   1.00 40.90 ? 28  GLU A OE2 1 
ATOM   209 N  N   . PHE A 1 29  ? -4.831  5.109   1.680   1.00 17.55 ? 29  PHE A N   1 
ATOM   210 C  CA  . PHE A 1 29  ? -4.278  4.478   2.871   1.00 16.57 ? 29  PHE A CA  1 
ATOM   211 C  C   . PHE A 1 29  ? -4.224  5.578   3.927   1.00 16.73 ? 29  PHE A C   1 
ATOM   212 O  O   . PHE A 1 29  ? -3.801  6.692   3.636   1.00 15.12 ? 29  PHE A O   1 
ATOM   213 C  CB  . PHE A 1 29  ? -2.898  3.966   2.568   1.00 15.58 ? 29  PHE A CB  1 
ATOM   214 C  CG  . PHE A 1 29  ? -2.820  2.836   1.566   1.00 13.26 ? 29  PHE A CG  1 
ATOM   215 C  CD1 . PHE A 1 29  ? -2.906  1.534   1.992   1.00 13.47 ? 29  PHE A CD1 1 
ATOM   216 C  CD2 . PHE A 1 29  ? -2.606  3.114   0.234   1.00 14.55 ? 29  PHE A CD2 1 
ATOM   217 C  CE1 . PHE A 1 29  ? -2.777  0.476   1.121   1.00 13.57 ? 29  PHE A CE1 1 
ATOM   218 C  CE2 . PHE A 1 29  ? -2.488  2.046   -0.634  1.00 13.74 ? 29  PHE A CE2 1 
ATOM   219 C  CZ  . PHE A 1 29  ? -2.567  0.739   -0.212  1.00 13.73 ? 29  PHE A CZ  1 
ATOM   220 N  N   . THR A 1 30  ? -4.734  5.348   5.134   1.00 18.19 ? 30  THR A N   1 
ATOM   221 C  CA  . THR A 1 30  ? -4.782  6.358   6.178   1.00 19.54 ? 30  THR A CA  1 
ATOM   222 C  C   . THR A 1 30  ? -4.201  5.751   7.431   1.00 17.61 ? 30  THR A C   1 
ATOM   223 O  O   . THR A 1 30  ? -4.535  4.634   7.836   1.00 16.66 ? 30  THR A O   1 
ATOM   224 C  CB  . THR A 1 30  ? -6.194  6.795   6.500   1.00 22.06 ? 30  THR A CB  1 
ATOM   225 O  OG1 . THR A 1 30  ? -6.761  7.252   5.272   1.00 28.70 ? 30  THR A OG1 1 
ATOM   226 C  CG2 . THR A 1 30  ? -6.239  7.910   7.536   1.00 24.69 ? 30  THR A CG2 1 
ATOM   227 N  N   . LEU A 1 31  ? -3.258  6.482   8.005   1.00 18.31 ? 31  LEU A N   1 
ATOM   228 C  CA  . LEU A 1 31  ? -2.567  6.058   9.207   1.00 17.82 ? 31  LEU A CA  1 
ATOM   229 C  C   . LEU A 1 31  ? -3.510  6.096   10.419  1.00 18.22 ? 31  LEU A C   1 
ATOM   230 O  O   . LEU A 1 31  ? -4.214  7.090   10.613  1.00 20.16 ? 31  LEU A O   1 
ATOM   231 C  CB  . LEU A 1 31  ? -1.375  6.985   9.496   1.00 17.38 ? 31  LEU A CB  1 
ATOM   232 C  CG  . LEU A 1 31  ? -0.599  6.642   10.742  1.00 16.23 ? 31  LEU A CG  1 
ATOM   233 C  CD1 . LEU A 1 31  ? 0.232   5.410   10.531  1.00 16.44 ? 31  LEU A CD1 1 
ATOM   234 C  CD2 . LEU A 1 31  ? 0.247   7.833   11.102  1.00 19.19 ? 31  LEU A CD2 1 
ATOM   235 N  N   . VAL A 1 32  ? -3.537  5.037   11.213  1.00 18.35 ? 32  VAL A N   1 
ATOM   236 C  CA  . VAL A 1 32  ? -4.247  5.067   12.484  1.00 19.49 ? 32  VAL A CA  1 
ATOM   237 C  C   . VAL A 1 32  ? -3.172  4.804   13.561  1.00 19.28 ? 32  VAL A C   1 
ATOM   238 O  O   . VAL A 1 32  ? -2.360  3.883   13.432  1.00 17.02 ? 32  VAL A O   1 
ATOM   239 C  CB  . VAL A 1 32  ? -5.358  3.973   12.510  1.00 19.12 ? 32  VAL A CB  1 
ATOM   240 C  CG1 . VAL A 1 32  ? -6.094  4.043   13.850  1.00 18.99 ? 32  VAL A CG1 1 
ATOM   241 C  CG2 . VAL A 1 32  ? -6.381  4.205   11.403  1.00 17.37 ? 32  VAL A CG2 1 
ATOM   242 N  N   . GLY A 1 33  ? -3.160  5.564   14.658  1.00 21.05 ? 33  GLY A N   1 
ATOM   243 C  CA  . GLY A 1 33  ? -2.206  5.322   15.720  1.00 22.79 ? 33  GLY A CA  1 
ATOM   244 C  C   . GLY A 1 33  ? -0.974  6.205   15.571  1.00 23.90 ? 33  GLY A C   1 
ATOM   245 O  O   . GLY A 1 33  ? -0.950  7.147   14.778  1.00 24.74 ? 33  GLY A O   1 
ATOM   246 N  N   . GLU A 1 34  ? 0.033   5.912   16.383  1.00 25.56 ? 34  GLU A N   1 
ATOM   247 C  CA  . GLU A 1 34  ? 1.241   6.695   16.364  1.00 27.72 ? 34  GLU A CA  1 
ATOM   248 C  C   . GLU A 1 34  ? 2.452   6.048   15.718  1.00 26.37 ? 34  GLU A C   1 
ATOM   249 O  O   . GLU A 1 34  ? 3.419   6.756   15.435  1.00 29.62 ? 34  GLU A O   1 
ATOM   250 C  CB  . GLU A 1 34  ? 1.568   7.093   17.783  1.00 31.74 ? 34  GLU A CB  1 
ATOM   251 C  CG  . GLU A 1 34  ? 1.253   8.574   17.963  1.00 39.01 ? 34  GLU A CG  1 
ATOM   252 C  CD  . GLU A 1 34  ? -0.225  8.917   17.862  1.00 43.63 ? 34  GLU A CD  1 
ATOM   253 O  OE1 . GLU A 1 34  ? -0.978  8.420   18.710  1.00 48.69 ? 34  GLU A OE1 1 
ATOM   254 O  OE2 . GLU A 1 34  ? -0.616  9.662   16.951  1.00 45.16 ? 34  GLU A OE2 1 
ATOM   255 N  N   . THR A 1 35  ? 2.486   4.735   15.498  1.00 23.15 ? 35  THR A N   1 
ATOM   256 C  CA  . THR A 1 35  ? 3.589   4.117   14.787  1.00 20.71 ? 35  THR A CA  1 
ATOM   257 C  C   . THR A 1 35  ? 3.531   4.555   13.294  1.00 21.41 ? 35  THR A C   1 
ATOM   258 O  O   . THR A 1 35  ? 2.479   4.398   12.661  1.00 20.41 ? 35  THR A O   1 
ATOM   259 C  CB  . THR A 1 35  ? 3.433   2.615   14.928  1.00 19.17 ? 35  THR A CB  1 
ATOM   260 O  OG1 . THR A 1 35  ? 3.338   2.321   16.324  1.00 22.40 ? 35  THR A OG1 1 
ATOM   261 C  CG2 . THR A 1 35  ? 4.572   1.873   14.311  1.00 17.26 ? 35  THR A CG2 1 
ATOM   262 N  N   . GLY A 1 36  ? 4.590   5.151   12.726  1.00 18.34 ? 36  GLY A N   1 
ATOM   263 C  CA  . GLY A 1 36  ? 4.644   5.532   11.326  1.00 15.81 ? 36  GLY A CA  1 
ATOM   264 C  C   . GLY A 1 36  ? 4.774   4.270   10.511  1.00 11.70 ? 36  GLY A C   1 
ATOM   265 O  O   . GLY A 1 36  ? 5.259   3.194   10.907  1.00 12.11 ? 36  GLY A O   1 
ATOM   266 N  N   . HIS A 1 37  ? 4.288   4.334   9.275   1.00 13.01 ? 37  HIS A N   1 
ATOM   267 C  CA  . HIS A 1 37  ? 4.274   3.174   8.381   1.00 12.42 ? 37  HIS A CA  1 
ATOM   268 C  C   . HIS A 1 37  ? 4.349   3.707   6.966   1.00 10.03 ? 37  HIS A C   1 
ATOM   269 O  O   . HIS A 1 37  ? 4.113   4.891   6.762   1.00 10.63 ? 37  HIS A O   1 
ATOM   270 C  CB  . HIS A 1 37  ? 2.958   2.370   8.454   1.00 12.20 ? 37  HIS A CB  1 
ATOM   271 C  CG  . HIS A 1 37  ? 2.672   1.707   9.797   1.00 13.05 ? 37  HIS A CG  1 
ATOM   272 N  ND1 . HIS A 1 37  ? 3.294   0.575   10.076  1.00 15.17 ? 37  HIS A ND1 1 
ATOM   273 C  CD2 . HIS A 1 37  ? 1.771   2.088   10.760  1.00 12.90 ? 37  HIS A CD2 1 
ATOM   274 C  CE1 . HIS A 1 37  ? 2.779   0.205   11.244  1.00 13.14 ? 37  HIS A CE1 1 
ATOM   275 N  NE2 . HIS A 1 37  ? 1.891   1.102   11.621  1.00 12.64 ? 37  HIS A NE2 1 
ATOM   276 N  N   . ASN A 1 38  ? 4.615   2.872   5.982   1.00 13.36 ? 38  ASN A N   1 
ATOM   277 C  CA  . ASN A 1 38  ? 4.429   3.368   4.610   1.00 14.01 ? 38  ASN A CA  1 
ATOM   278 C  C   . ASN A 1 38  ? 3.899   2.233   3.728   1.00 13.09 ? 38  ASN A C   1 
ATOM   279 O  O   . ASN A 1 38  ? 3.596   1.141   4.233   1.00 13.13 ? 38  ASN A O   1 
ATOM   280 C  CB  . ASN A 1 38  ? 5.771   3.920   4.023   1.00 13.13 ? 38  ASN A CB  1 
ATOM   281 C  CG  . ASN A 1 38  ? 6.848   2.918   3.749   1.00 9.65  ? 38  ASN A CG  1 
ATOM   282 O  OD1 . ASN A 1 38  ? 6.824   1.705   3.922   1.00 13.10 ? 38  ASN A OD1 1 
ATOM   283 N  ND2 . ASN A 1 38  ? 7.969   3.463   3.355   1.00 17.99 ? 38  ASN A ND2 1 
ATOM   284 N  N   . ILE A 1 39  ? 3.804   2.455   2.411   1.00 13.47 ? 39  ILE A N   1 
ATOM   285 C  CA  . ILE A 1 39  ? 3.239   1.457   1.503   1.00 13.64 ? 39  ILE A CA  1 
ATOM   286 C  C   . ILE A 1 39  ? 4.114   1.460   0.257   1.00 11.45 ? 39  ILE A C   1 
ATOM   287 O  O   . ILE A 1 39  ? 4.203   2.506   -0.384  1.00 12.04 ? 39  ILE A O   1 
ATOM   288 C  CB  . ILE A 1 39  ? 1.787   1.800   1.020   1.00 17.37 ? 39  ILE A CB  1 
ATOM   289 C  CG1 . ILE A 1 39  ? 0.815   1.943   2.222   1.00 20.42 ? 39  ILE A CG1 1 
ATOM   290 C  CG2 . ILE A 1 39  ? 1.314   0.687   0.037   1.00 15.18 ? 39  ILE A CG2 1 
ATOM   291 C  CD1 . ILE A 1 39  ? 0.774   3.324   2.935   1.00 22.58 ? 39  ILE A CD1 1 
ATOM   292 N  N   . VAL A 1 40  ? 4.654   0.311   -0.045  1.00 12.24 ? 40  VAL A N   1 
ATOM   293 C  CA  . VAL A 1 40  ? 5.474   0.093   -1.223  1.00 15.47 ? 40  VAL A CA  1 
ATOM   294 C  C   . VAL A 1 40  ? 4.959   -1.165  -1.892  1.00 14.27 ? 40  VAL A C   1 
ATOM   295 O  O   . VAL A 1 40  ? 4.817   -2.208  -1.251  1.00 14.93 ? 40  VAL A O   1 
ATOM   296 C  CB  . VAL A 1 40  ? 6.987   -0.086  -0.822  1.00 14.40 ? 40  VAL A CB  1 
ATOM   297 C  CG1 . VAL A 1 40  ? 7.855   -0.363  -2.044  1.00 15.68 ? 40  VAL A CG1 1 
ATOM   298 C  CG2 . VAL A 1 40  ? 7.479   1.185   -0.177  1.00 14.40 ? 40  VAL A CG2 1 
ATOM   299 N  N   . PHE A 1 41  ? 4.752   -1.091  -3.219  1.00 16.57 ? 41  PHE A N   1 
ATOM   300 C  CA  . PHE A 1 41  ? 4.309   -2.239  -3.992  1.00 14.86 ? 41  PHE A CA  1 
ATOM   301 C  C   . PHE A 1 41  ? 5.449   -3.109  -4.427  1.00 16.60 ? 41  PHE A C   1 
ATOM   302 O  O   . PHE A 1 41  ? 6.489   -2.588  -4.801  1.00 18.17 ? 41  PHE A O   1 
ATOM   303 C  CB  . PHE A 1 41  ? 3.525   -1.785  -5.247  1.00 15.56 ? 41  PHE A CB  1 
ATOM   304 C  CG  . PHE A 1 41  ? 2.061   -1.479  -4.933  1.00 14.55 ? 41  PHE A CG  1 
ATOM   305 C  CD1 . PHE A 1 41  ? 1.143   -2.514  -4.944  1.00 16.74 ? 41  PHE A CD1 1 
ATOM   306 C  CD2 . PHE A 1 41  ? 1.672   -0.215  -4.586  1.00 12.98 ? 41  PHE A CD2 1 
ATOM   307 C  CE1 . PHE A 1 41  ? -0.169  -2.263  -4.597  1.00 15.02 ? 41  PHE A CE1 1 
ATOM   308 C  CE2 . PHE A 1 41  ? 0.360   0.024   -4.240  1.00 15.78 ? 41  PHE A CE2 1 
ATOM   309 C  CZ  . PHE A 1 41  ? -0.558  -0.995  -4.244  1.00 15.00 ? 41  PHE A CZ  1 
ATOM   310 N  N   . ASP A 1 42  ? 5.298   -4.416  -4.350  1.00 18.11 ? 42  ASP A N   1 
ATOM   311 C  CA  . ASP A 1 42  ? 6.220   -5.375  -4.926  1.00 22.81 ? 42  ASP A CA  1 
ATOM   312 C  C   . ASP A 1 42  ? 6.068   -5.355  -6.446  1.00 24.27 ? 42  ASP A C   1 
ATOM   313 O  O   . ASP A 1 42  ? 4.942   -5.282  -6.950  1.00 23.20 ? 42  ASP A O   1 
ATOM   314 C  CB  . ASP A 1 42  ? 5.900   -6.763  -4.516  1.00 27.53 ? 42  ASP A CB  1 
ATOM   315 C  CG  . ASP A 1 42  ? 6.962   -7.468  -3.715  1.00 33.81 ? 42  ASP A CG  1 
ATOM   316 O  OD1 . ASP A 1 42  ? 8.161   -7.270  -3.938  1.00 39.23 ? 42  ASP A OD1 1 
ATOM   317 O  OD2 . ASP A 1 42  ? 6.567   -8.241  -2.852  1.00 38.41 ? 42  ASP A OD2 1 
ATOM   318 N  N   . ILE A 1 43  ? 7.132   -5.444  -7.233  1.00 25.19 ? 43  ILE A N   1 
ATOM   319 C  CA  . ILE A 1 43  ? 6.985   -5.441  -8.692  1.00 27.05 ? 43  ILE A CA  1 
ATOM   320 C  C   . ILE A 1 43  ? 7.038   -6.906  -9.089  1.00 27.80 ? 43  ILE A C   1 
ATOM   321 O  O   . ILE A 1 43  ? 8.037   -7.540  -8.759  1.00 27.53 ? 43  ILE A O   1 
ATOM   322 C  CB  . ILE A 1 43  ? 8.139   -4.694  -9.403  1.00 27.65 ? 43  ILE A CB  1 
ATOM   323 C  CG1 . ILE A 1 43  ? 8.353   -3.291  -8.841  1.00 26.40 ? 43  ILE A CG1 1 
ATOM   324 C  CG2 . ILE A 1 43  ? 7.815   -4.672  -10.901 1.00 27.06 ? 43  ILE A CG2 1 
ATOM   325 C  CD1 . ILE A 1 43  ? 7.171   -2.341  -8.949  1.00 26.01 ? 43  ILE A CD1 1 
ATOM   326 N  N   . PRO A 1 44  ? 6.041   -7.530  -9.735  1.00 29.24 ? 44  PRO A N   1 
ATOM   327 C  CA  . PRO A 1 44  ? 6.088   -8.933  -10.098 1.00 31.65 ? 44  PRO A CA  1 
ATOM   328 C  C   . PRO A 1 44  ? 7.232   -9.178  -11.085 1.00 34.09 ? 44  PRO A C   1 
ATOM   329 O  O   . PRO A 1 44  ? 7.604   -8.330  -11.913 1.00 33.60 ? 44  PRO A O   1 
ATOM   330 C  CB  . PRO A 1 44  ? 4.720   -9.207  -10.659 1.00 31.59 ? 44  PRO A CB  1 
ATOM   331 C  CG  . PRO A 1 44  ? 3.860   -8.071  -10.147 1.00 31.12 ? 44  PRO A CG  1 
ATOM   332 C  CD  . PRO A 1 44  ? 4.828   -6.907  -10.230 1.00 30.03 ? 44  PRO A CD  1 
ATOM   333 N  N   . ALA A 1 45  ? 7.835   -10.355 -10.986 1.00 36.99 ? 45  ALA A N   1 
ATOM   334 C  CA  . ALA A 1 45  ? 8.947   -10.660 -11.868 1.00 39.50 ? 45  ALA A CA  1 
ATOM   335 C  C   . ALA A 1 45  ? 8.351   -10.883 -13.256 1.00 39.65 ? 45  ALA A C   1 
ATOM   336 O  O   . ALA A 1 45  ? 7.296   -11.501 -13.476 1.00 40.09 ? 45  ALA A O   1 
ATOM   337 C  CB  . ALA A 1 45  ? 9.674   -11.923 -11.423 1.00 40.46 ? 45  ALA A CB  1 
ATOM   338 N  N   . GLY A 1 46  ? 8.994   -10.197 -14.183 1.00 39.09 ? 46  GLY A N   1 
ATOM   339 C  CA  . GLY A 1 46  ? 8.605   -10.300 -15.579 1.00 38.15 ? 46  GLY A CA  1 
ATOM   340 C  C   . GLY A 1 46  ? 7.439   -9.397  -15.926 1.00 36.88 ? 46  GLY A C   1 
ATOM   341 O  O   . GLY A 1 46  ? 6.941   -9.461  -17.052 1.00 37.32 ? 46  GLY A O   1 
ATOM   342 N  N   . ALA A 1 47  ? 6.979   -8.579  -14.967 1.00 34.86 ? 47  ALA A N   1 
ATOM   343 C  CA  . ALA A 1 47  ? 5.976   -7.572  -15.220 1.00 31.88 ? 47  ALA A CA  1 
ATOM   344 C  C   . ALA A 1 47  ? 6.409   -6.740  -16.424 1.00 31.06 ? 47  ALA A C   1 
ATOM   345 O  O   . ALA A 1 47  ? 7.597   -6.421  -16.536 1.00 31.46 ? 47  ALA A O   1 
ATOM   346 C  CB  . ALA A 1 47  ? 5.863   -6.651  -14.025 1.00 31.87 ? 47  ALA A CB  1 
ATOM   347 N  N   . PRO A 1 48  ? 5.547   -6.380  -17.376 1.00 30.12 ? 48  PRO A N   1 
ATOM   348 C  CA  . PRO A 1 48  ? 5.826   -5.344  -18.337 1.00 29.15 ? 48  PRO A CA  1 
ATOM   349 C  C   . PRO A 1 48  ? 6.155   -4.033  -17.659 1.00 28.76 ? 48  PRO A C   1 
ATOM   350 O  O   . PRO A 1 48  ? 5.638   -3.666  -16.594 1.00 28.35 ? 48  PRO A O   1 
ATOM   351 C  CB  . PRO A 1 48  ? 4.587   -5.248  -19.187 1.00 28.51 ? 48  PRO A CB  1 
ATOM   352 C  CG  . PRO A 1 48  ? 3.506   -5.815  -18.312 1.00 27.94 ? 48  PRO A CG  1 
ATOM   353 C  CD  . PRO A 1 48  ? 4.225   -6.955  -17.622 1.00 29.27 ? 48  PRO A CD  1 
ATOM   354 N  N   . GLY A 1 49  ? 6.978   -3.297  -18.387 1.00 27.18 ? 49  GLY A N   1 
ATOM   355 C  CA  . GLY A 1 49  ? 7.427   -1.985  -18.014 1.00 24.95 ? 49  GLY A CA  1 
ATOM   356 C  C   . GLY A 1 49  ? 6.280   -1.055  -17.727 1.00 23.52 ? 49  GLY A C   1 
ATOM   357 O  O   . GLY A 1 49  ? 6.456   -0.213  -16.849 1.00 24.42 ? 49  GLY A O   1 
ATOM   358 N  N   . THR A 1 50  ? 5.093   -1.135  -18.344 1.00 23.00 ? 50  THR A N   1 
ATOM   359 C  CA  . THR A 1 50  ? 4.018   -0.193  -18.002 1.00 22.95 ? 50  THR A CA  1 
ATOM   360 C  C   . THR A 1 50  ? 3.463   -0.462  -16.588 1.00 20.63 ? 50  THR A C   1 
ATOM   361 O  O   . THR A 1 50  ? 3.164   0.464   -15.833 1.00 20.46 ? 50  THR A O   1 
ATOM   362 C  CB  . THR A 1 50  ? 2.865   -0.268  -19.070 1.00 22.74 ? 50  THR A CB  1 
ATOM   363 O  OG1 . THR A 1 50  ? 2.497   -1.633  -19.234 1.00 23.43 ? 50  THR A OG1 1 
ATOM   364 C  CG2 . THR A 1 50  ? 3.295   0.318   -20.404 1.00 23.81 ? 50  THR A CG2 1 
ATOM   365 N  N   . VAL A 1 51  ? 3.413   -1.743  -16.211 1.00 21.26 ? 51  VAL A N   1 
ATOM   366 C  CA  . VAL A 1 51  ? 2.934   -2.174  -14.898 1.00 21.32 ? 51  VAL A CA  1 
ATOM   367 C  C   . VAL A 1 51  ? 3.995   -1.816  -13.858 1.00 20.85 ? 51  VAL A C   1 
ATOM   368 O  O   . VAL A 1 51  ? 3.627   -1.237  -12.826 1.00 18.65 ? 51  VAL A O   1 
ATOM   369 C  CB  . VAL A 1 51  ? 2.666   -3.703  -14.883 1.00 22.34 ? 51  VAL A CB  1 
ATOM   370 C  CG1 . VAL A 1 51  ? 2.237   -4.225  -13.507 1.00 22.33 ? 51  VAL A CG1 1 
ATOM   371 C  CG2 . VAL A 1 51  ? 1.518   -3.980  -15.834 1.00 23.94 ? 51  VAL A CG2 1 
ATOM   372 N  N   . ALA A 1 52  ? 5.284   -2.124  -14.131 1.00 19.77 ? 52  ALA A N   1 
ATOM   373 C  CA  . ALA A 1 52  ? 6.373   -1.742  -13.245 1.00 19.32 ? 52  ALA A CA  1 
ATOM   374 C  C   . ALA A 1 52  ? 6.333   -0.253  -12.974 1.00 19.64 ? 52  ALA A C   1 
ATOM   375 O  O   . ALA A 1 52  ? 6.434   0.163   -11.806 1.00 19.41 ? 52  ALA A O   1 
ATOM   376 C  CB  . ALA A 1 52  ? 7.720   -2.074  -13.859 1.00 20.11 ? 52  ALA A CB  1 
ATOM   377 N  N   . SER A 1 53  ? 6.097   0.591   -13.997 1.00 18.54 ? 53  SER A N   1 
ATOM   378 C  CA  . SER A 1 53  ? 6.025   2.014   -13.751 1.00 18.57 ? 53  SER A CA  1 
ATOM   379 C  C   . SER A 1 53  ? 4.806   2.413   -12.962 1.00 18.43 ? 53  SER A C   1 
ATOM   380 O  O   . SER A 1 53  ? 4.890   3.319   -12.130 1.00 16.88 ? 53  SER A O   1 
ATOM   381 C  CB  . SER A 1 53  ? 6.040   2.794   -15.060 1.00 20.65 ? 53  SER A CB  1 
ATOM   382 O  OG  . SER A 1 53  ? 7.233   2.479   -15.793 1.00 24.60 ? 53  SER A OG  1 
ATOM   383 N  N   . GLU A 1 54  ? 3.671   1.746   -13.171 1.00 17.42 ? 54  GLU A N   1 
ATOM   384 C  CA  . GLU A 1 54  ? 2.480   2.104   -12.414 1.00 16.99 ? 54  GLU A CA  1 
ATOM   385 C  C   . GLU A 1 54  ? 2.646   1.818   -10.942 1.00 12.57 ? 54  GLU A C   1 
ATOM   386 O  O   . GLU A 1 54  ? 2.238   2.621   -10.120 1.00 14.54 ? 54  GLU A O   1 
ATOM   387 C  CB  . GLU A 1 54  ? 1.260   1.318   -12.770 1.00 18.84 ? 54  GLU A CB  1 
ATOM   388 C  CG  . GLU A 1 54  ? 0.534   1.595   -14.034 1.00 23.73 ? 54  GLU A CG  1 
ATOM   389 C  CD  . GLU A 1 54  ? -0.694  0.721   -13.979 1.00 22.39 ? 54  GLU A CD  1 
ATOM   390 O  OE1 . GLU A 1 54  ? -0.575  -0.497  -14.062 1.00 24.21 ? 54  GLU A OE1 1 
ATOM   391 O  OE2 . GLU A 1 54  ? -1.749  1.294   -13.813 1.00 24.94 ? 54  GLU A OE2 1 
ATOM   392 N  N   . LEU A 1 55  ? 3.204   0.655   -10.654 1.00 12.62 ? 55  LEU A N   1 
ATOM   393 C  CA  . LEU A 1 55  ? 3.420   0.198   -9.293  1.00 13.04 ? 55  LEU A CA  1 
ATOM   394 C  C   . LEU A 1 55  ? 4.428   1.093   -8.571  1.00 16.52 ? 55  LEU A C   1 
ATOM   395 O  O   . LEU A 1 55  ? 4.190   1.488   -7.409  1.00 14.30 ? 55  LEU A O   1 
ATOM   396 C  CB  . LEU A 1 55  ? 3.874   -1.234  -9.358  1.00 10.67 ? 55  LEU A CB  1 
ATOM   397 C  CG  . LEU A 1 55  ? 2.863   -2.308  -9.832  1.00 13.84 ? 55  LEU A CG  1 
ATOM   398 C  CD1 . LEU A 1 55  ? 3.498   -3.665  -9.782  1.00 12.96 ? 55  LEU A CD1 1 
ATOM   399 C  CD2 . LEU A 1 55  ? 1.624   -2.309  -8.919  1.00 15.72 ? 55  LEU A CD2 1 
ATOM   400 N  N   . LYS A 1 56  ? 5.522   1.507   -9.250  1.00 16.41 ? 56  LYS A N   1 
ATOM   401 C  CA  . LYS A 1 56  ? 6.465   2.468   -8.651  1.00 17.89 ? 56  LYS A CA  1 
ATOM   402 C  C   . LYS A 1 56  ? 5.769   3.787   -8.354  1.00 17.96 ? 56  LYS A C   1 
ATOM   403 O  O   . LYS A 1 56  ? 5.945   4.347   -7.266  1.00 19.30 ? 56  LYS A O   1 
ATOM   404 C  CB  . LYS A 1 56  ? 7.671   2.762   -9.574  1.00 17.21 ? 56  LYS A CB  1 
ATOM   405 C  CG  . LYS A 1 56  ? 8.369   1.448   -9.592  1.00 23.67 ? 56  LYS A CG  1 
ATOM   406 C  CD  . LYS A 1 56  ? 9.706   1.462   -10.279 1.00 32.01 ? 56  LYS A CD  1 
ATOM   407 C  CE  . LYS A 1 56  ? 10.728  1.079   -9.208  1.00 36.63 ? 56  LYS A CE  1 
ATOM   408 N  NZ  . LYS A 1 56  ? 10.848  2.133   -8.205  1.00 41.49 ? 56  LYS A NZ  1 
ATOM   409 N  N   . ALA A 1 57  ? 4.913   4.287   -9.252  1.00 16.17 ? 57  ALA A N   1 
ATOM   410 C  CA  . ALA A 1 57  ? 4.182   5.516   -9.019  1.00 15.52 ? 57  ALA A CA  1 
ATOM   411 C  C   . ALA A 1 57  ? 3.145   5.384   -7.906  1.00 15.32 ? 57  ALA A C   1 
ATOM   412 O  O   . ALA A 1 57  ? 2.694   6.361   -7.332  1.00 16.83 ? 57  ALA A O   1 
ATOM   413 C  CB  . ALA A 1 57  ? 3.437   5.929   -10.251 1.00 16.32 ? 57  ALA A CB  1 
ATOM   414 N  N   . ALA A 1 58  ? 2.768   4.163   -7.610  1.00 16.71 ? 58  ALA A N   1 
ATOM   415 C  CA  . ALA A 1 58  ? 1.769   3.905   -6.592  1.00 18.61 ? 58  ALA A CA  1 
ATOM   416 C  C   . ALA A 1 58  ? 2.468   3.577   -5.272  1.00 20.20 ? 58  ALA A C   1 
ATOM   417 O  O   . ALA A 1 58  ? 1.804   3.152   -4.319  1.00 18.49 ? 58  ALA A O   1 
ATOM   418 C  CB  . ALA A 1 58  ? 0.889   2.707   -7.017  1.00 17.67 ? 58  ALA A CB  1 
ATOM   419 N  N   . SER A 1 59  ? 3.801   3.702   -5.195  1.00 19.45 ? 59  SER A N   1 
ATOM   420 C  CA  . SER A 1 59  ? 4.512   3.370   -3.989  1.00 17.76 ? 59  SER A CA  1 
ATOM   421 C  C   . SER A 1 59  ? 5.059   4.610   -3.344  1.00 19.32 ? 59  SER A C   1 
ATOM   422 O  O   . SER A 1 59  ? 5.325   5.633   -3.973  1.00 18.07 ? 59  SER A O   1 
ATOM   423 C  CB  . SER A 1 59  ? 5.634   2.463   -4.304  1.00 15.59 ? 59  SER A CB  1 
ATOM   424 O  OG  . SER A 1 59  ? 5.181   1.243   -4.849  1.00 14.93 ? 59  SER A OG  1 
ATOM   425 N  N   . MET A 1 60  ? 5.111   4.574   -2.015  1.00 21.38 ? 60  MET A N   1 
ATOM   426 C  CA  . MET A 1 60  ? 5.777   5.630   -1.266  1.00 23.77 ? 60  MET A CA  1 
ATOM   427 C  C   . MET A 1 60  ? 7.272   5.423   -1.431  1.00 25.55 ? 60  MET A C   1 
ATOM   428 O  O   . MET A 1 60  ? 7.810   4.331   -1.608  1.00 25.71 ? 60  MET A O   1 
ATOM   429 C  CB  . MET A 1 60  ? 5.465   5.583   0.238   1.00 19.72 ? 60  MET A CB  1 
ATOM   430 C  CG  . MET A 1 60  ? 4.129   6.243   0.447   1.00 21.91 ? 60  MET A CG  1 
ATOM   431 S  SD  . MET A 1 60  ? 3.483   6.097   2.139   1.00 20.70 ? 60  MET A SD  1 
ATOM   432 C  CE  . MET A 1 60  ? 4.454   7.412   2.839   1.00 21.47 ? 60  MET A CE  1 
ATOM   433 N  N   . ASP A 1 61  ? 7.952   6.539   -1.340  1.00 30.56 ? 61  ASP A N   1 
ATOM   434 C  CA  . ASP A 1 61  ? 9.390   6.552   -1.427  1.00 36.48 ? 61  ASP A CA  1 
ATOM   435 C  C   . ASP A 1 61  ? 9.836   5.845   -0.152  1.00 37.56 ? 61  ASP A C   1 
ATOM   436 O  O   . ASP A 1 61  ? 9.315   6.220   0.900   1.00 37.19 ? 61  ASP A O   1 
ATOM   437 C  CB  . ASP A 1 61  ? 9.729   8.034   -1.507  1.00 41.97 ? 61  ASP A CB  1 
ATOM   438 C  CG  . ASP A 1 61  ? 11.191  8.388   -1.669  1.00 47.16 ? 61  ASP A CG  1 
ATOM   439 O  OD1 . ASP A 1 61  ? 11.958  7.528   -2.110  1.00 49.35 ? 61  ASP A OD1 1 
ATOM   440 O  OD2 . ASP A 1 61  ? 11.551  9.528   -1.350  1.00 50.21 ? 61  ASP A OD2 1 
ATOM   441 N  N   . GLU A 1 62  ? 10.728  4.861   -0.076  1.00 38.59 ? 62  GLU A N   1 
ATOM   442 C  CA  . GLU A 1 62  ? 11.015  4.262   1.226   1.00 40.22 ? 62  GLU A CA  1 
ATOM   443 C  C   . GLU A 1 62  ? 11.657  5.207   2.252   1.00 39.53 ? 62  GLU A C   1 
ATOM   444 O  O   . GLU A 1 62  ? 11.981  4.791   3.357   1.00 40.41 ? 62  GLU A O   1 
ATOM   445 C  CB  . GLU A 1 62  ? 11.904  3.031   1.056   1.00 42.75 ? 62  GLU A CB  1 
ATOM   446 C  CG  . GLU A 1 62  ? 11.189  1.873   0.350   1.00 46.83 ? 62  GLU A CG  1 
ATOM   447 C  CD  . GLU A 1 62  ? 11.920  0.519   0.329   1.00 51.06 ? 62  GLU A CD  1 
ATOM   448 O  OE1 . GLU A 1 62  ? 13.146  0.489   0.551   1.00 53.20 ? 62  GLU A OE1 1 
ATOM   449 O  OE2 . GLU A 1 62  ? 11.261  -0.512  0.097   1.00 51.22 ? 62  GLU A OE2 1 
ATOM   450 N  N   . ASN A 1 63  ? 11.850  6.502   1.987   1.00 38.19 ? 63  ASN A N   1 
ATOM   451 C  CA  . ASN A 1 63  ? 12.365  7.465   2.965   1.00 36.62 ? 63  ASN A CA  1 
ATOM   452 C  C   . ASN A 1 63  ? 11.196  8.360   3.403   1.00 35.07 ? 63  ASN A C   1 
ATOM   453 O  O   . ASN A 1 63  ? 11.316  9.508   3.837   1.00 33.98 ? 63  ASN A O   1 
ATOM   454 C  CB  . ASN A 1 63  ? 13.476  8.295   2.292   1.00 38.86 ? 63  ASN A CB  1 
ATOM   455 C  CG  . ASN A 1 63  ? 14.083  9.416   3.141   1.00 40.41 ? 63  ASN A CG  1 
ATOM   456 O  OD1 . ASN A 1 63  ? 14.673  9.184   4.198   1.00 39.96 ? 63  ASN A OD1 1 
ATOM   457 N  ND2 . ASN A 1 63  ? 14.009  10.668  2.731   1.00 41.41 ? 63  ASN A ND2 1 
ATOM   458 N  N   . ASP A 1 64  ? 9.994   7.815   3.280   1.00 32.95 ? 64  ASP A N   1 
ATOM   459 C  CA  . ASP A 1 64  ? 8.757   8.525   3.529   1.00 30.75 ? 64  ASP A CA  1 
ATOM   460 C  C   . ASP A 1 64  ? 7.966   7.645   4.495   1.00 27.10 ? 64  ASP A C   1 
ATOM   461 O  O   . ASP A 1 64  ? 7.960   6.414   4.380   1.00 26.26 ? 64  ASP A O   1 
ATOM   462 C  CB  . ASP A 1 64  ? 8.046   8.663   2.205   1.00 35.13 ? 64  ASP A CB  1 
ATOM   463 C  CG  . ASP A 1 64  ? 7.525   10.033  1.877   1.00 40.15 ? 64  ASP A CG  1 
ATOM   464 O  OD1 . ASP A 1 64  ? 6.389   10.327  2.271   1.00 42.95 ? 64  ASP A OD1 1 
ATOM   465 O  OD2 . ASP A 1 64  ? 8.249   10.783  1.213   1.00 41.93 ? 64  ASP A OD2 1 
ATOM   466 N  N   . LEU A 1 65  ? 7.329   8.243   5.484   1.00 24.21 ? 65  LEU A N   1 
ATOM   467 C  CA  . LEU A 1 65  ? 6.498   7.501   6.413   1.00 22.04 ? 65  LEU A CA  1 
ATOM   468 C  C   . LEU A 1 65  ? 5.301   8.372   6.592   1.00 21.48 ? 65  LEU A C   1 
ATOM   469 O  O   . LEU A 1 65  ? 5.389   9.592   6.514   1.00 21.99 ? 65  LEU A O   1 
ATOM   470 C  CB  . LEU A 1 65  ? 7.145   7.273   7.796   1.00 20.45 ? 65  LEU A CB  1 
ATOM   471 C  CG  . LEU A 1 65  ? 8.268   6.232   7.851   1.00 19.78 ? 65  LEU A CG  1 
ATOM   472 C  CD1 . LEU A 1 65  ? 8.814   6.168   9.249   1.00 22.86 ? 65  LEU A CD1 1 
ATOM   473 C  CD2 . LEU A 1 65  ? 7.787   4.849   7.511   1.00 21.00 ? 65  LEU A CD2 1 
ATOM   474 N  N   . LEU A 1 66  ? 4.144   7.729   6.718   1.00 22.64 ? 66  LEU A N   1 
ATOM   475 C  CA  . LEU A 1 66  ? 2.927   8.430   7.094   1.00 24.87 ? 66  LEU A CA  1 
ATOM   476 C  C   . LEU A 1 66  ? 3.115   8.893   8.559   1.00 26.02 ? 66  LEU A C   1 
ATOM   477 O  O   . LEU A 1 66  ? 3.776   8.233   9.373   1.00 25.71 ? 66  LEU A O   1 
ATOM   478 C  CB  . LEU A 1 66  ? 1.733   7.464   6.964   1.00 24.23 ? 66  LEU A CB  1 
ATOM   479 C  CG  . LEU A 1 66  ? 1.437   6.961   5.540   1.00 25.55 ? 66  LEU A CG  1 
ATOM   480 C  CD1 . LEU A 1 66  ? 0.427   5.834   5.594   1.00 26.60 ? 66  LEU A CD1 1 
ATOM   481 C  CD2 . LEU A 1 66  ? 0.947   8.126   4.683   1.00 24.20 ? 66  LEU A CD2 1 
ATOM   482 N  N   . SER A 1 67  ? 2.606   10.034  8.948   1.00 29.13 ? 67  SER A N   1 
ATOM   483 C  CA  . SER A 1 67  ? 2.769   10.550  10.301  1.00 33.55 ? 67  SER A CA  1 
ATOM   484 C  C   . SER A 1 67  ? 1.471   11.295  10.546  1.00 37.32 ? 67  SER A C   1 
ATOM   485 O  O   . SER A 1 67  ? 0.747   11.509  9.569   1.00 37.86 ? 67  SER A O   1 
ATOM   486 C  CB  . SER A 1 67  ? 3.953   11.506  10.345  1.00 32.25 ? 67  SER A CB  1 
ATOM   487 O  OG  . SER A 1 67  ? 3.760   12.688  9.564   1.00 32.09 ? 67  SER A OG  1 
ATOM   488 N  N   . GLU A 1 68  ? 1.058   11.790  11.718  1.00 41.44 ? 68  GLU A N   1 
ATOM   489 C  CA  . GLU A 1 68  ? -0.241  12.449  11.738  1.00 45.80 ? 68  GLU A CA  1 
ATOM   490 C  C   . GLU A 1 68  ? -0.170  13.786  11.023  1.00 46.27 ? 68  GLU A C   1 
ATOM   491 O  O   . GLU A 1 68  ? -1.189  14.372  10.693  1.00 47.78 ? 68  GLU A O   1 
ATOM   492 C  CB  . GLU A 1 68  ? -0.734  12.614  13.185  1.00 49.43 ? 68  GLU A CB  1 
ATOM   493 C  CG  . GLU A 1 68  ? -2.271  12.351  13.324  1.00 53.44 ? 68  GLU A CG  1 
ATOM   494 C  CD  . GLU A 1 68  ? -2.816  10.973  12.874  1.00 55.39 ? 68  GLU A CD  1 
ATOM   495 O  OE1 . GLU A 1 68  ? -2.555  9.945   13.518  1.00 55.50 ? 68  GLU A OE1 1 
ATOM   496 O  OE2 . GLU A 1 68  ? -3.529  10.934  11.868  1.00 56.33 ? 68  GLU A OE2 1 
ATOM   497 N  N   . ASP A 1 69  ? 1.039   14.209  10.684  1.00 46.77 ? 69  ASP A N   1 
ATOM   498 C  CA  . ASP A 1 69  ? 1.250   15.402  9.895   1.00 48.18 ? 69  ASP A CA  1 
ATOM   499 C  C   . ASP A 1 69  ? 1.029   15.073  8.408   1.00 47.20 ? 69  ASP A C   1 
ATOM   500 O  O   . ASP A 1 69  ? 0.609   15.917  7.618   1.00 48.37 ? 69  ASP A O   1 
ATOM   501 C  CB  . ASP A 1 69  ? 2.702   15.910  10.141  1.00 51.94 ? 69  ASP A CB  1 
ATOM   502 C  CG  . ASP A 1 69  ? 3.099   16.387  11.564  1.00 54.31 ? 69  ASP A CG  1 
ATOM   503 O  OD1 . ASP A 1 69  ? 3.066   15.599  12.517  1.00 55.34 ? 69  ASP A OD1 1 
ATOM   504 O  OD2 . ASP A 1 69  ? 3.470   17.558  11.713  1.00 54.92 ? 69  ASP A OD2 1 
ATOM   505 N  N   . GLU A 1 70  ? 1.342   13.850  7.963   1.00 45.14 ? 70  GLU A N   1 
ATOM   506 C  CA  . GLU A 1 70  ? 1.195   13.387  6.576   1.00 41.87 ? 70  GLU A CA  1 
ATOM   507 C  C   . GLU A 1 70  ? 0.401   12.082  6.738   1.00 37.93 ? 70  GLU A C   1 
ATOM   508 O  O   . GLU A 1 70  ? 0.986   10.995  6.683   1.00 36.24 ? 70  GLU A O   1 
ATOM   509 C  CB  . GLU A 1 70  ? 2.584   13.103  5.965   1.00 44.09 ? 70  GLU A CB  1 
ATOM   510 C  CG  . GLU A 1 70  ? 2.640   12.559  4.520   1.00 47.83 ? 70  GLU A CG  1 
ATOM   511 C  CD  . GLU A 1 70  ? 3.839   11.651  4.188   1.00 50.22 ? 70  GLU A CD  1 
ATOM   512 O  OE1 . GLU A 1 70  ? 4.971   11.942  4.594   1.00 52.82 ? 70  GLU A OE1 1 
ATOM   513 O  OE2 . GLU A 1 70  ? 3.645   10.644  3.503   1.00 50.96 ? 70  GLU A OE2 1 
ATOM   514 N  N   . PRO A 1 71  ? -0.896  12.105  7.059   1.00 35.16 ? 71  PRO A N   1 
ATOM   515 C  CA  . PRO A 1 71  ? -1.632  10.912  7.477   1.00 33.24 ? 71  PRO A CA  1 
ATOM   516 C  C   . PRO A 1 71  ? -2.116  10.007  6.351   1.00 30.46 ? 71  PRO A C   1 
ATOM   517 O  O   . PRO A 1 71  ? -2.431  8.853   6.640   1.00 29.25 ? 71  PRO A O   1 
ATOM   518 C  CB  . PRO A 1 71  ? -2.755  11.453  8.318   1.00 33.15 ? 71  PRO A CB  1 
ATOM   519 C  CG  . PRO A 1 71  ? -3.090  12.748  7.603   1.00 34.23 ? 71  PRO A CG  1 
ATOM   520 C  CD  . PRO A 1 71  ? -1.724  13.301  7.195   1.00 34.56 ? 71  PRO A CD  1 
ATOM   521 N  N   . SER A 1 72  ? -2.215  10.449  5.096   1.00 28.37 ? 72  SER A N   1 
ATOM   522 C  CA  . SER A 1 72  ? -2.671  9.561   4.061   1.00 27.20 ? 72  SER A CA  1 
ATOM   523 C  C   . SER A 1 72  ? -1.811  9.536   2.797   1.00 26.41 ? 72  SER A C   1 
ATOM   524 O  O   . SER A 1 72  ? -0.961  10.412  2.584   1.00 26.80 ? 72  SER A O   1 
ATOM   525 C  CB  . SER A 1 72  ? -4.121  9.944   3.778   1.00 27.15 ? 72  SER A CB  1 
ATOM   526 O  OG  . SER A 1 72  ? -4.261  11.344  3.860   1.00 32.76 ? 72  SER A OG  1 
ATOM   527 N  N   . PHE A 1 73  ? -1.993  8.471   2.002   1.00 23.55 ? 73  PHE A N   1 
ATOM   528 C  CA  . PHE A 1 73  ? -1.326  8.241   0.727   1.00 20.62 ? 73  PHE A CA  1 
ATOM   529 C  C   . PHE A 1 73  ? -2.368  7.645   -0.209  1.00 21.10 ? 73  PHE A C   1 
ATOM   530 O  O   . PHE A 1 73  ? -3.047  6.693   0.165   1.00 19.29 ? 73  PHE A O   1 
ATOM   531 C  CB  . PHE A 1 73  ? -0.214  7.242   0.877   1.00 19.50 ? 73  PHE A CB  1 
ATOM   532 C  CG  . PHE A 1 73  ? 0.481   6.888   -0.428  1.00 19.22 ? 73  PHE A CG  1 
ATOM   533 C  CD1 . PHE A 1 73  ? 1.084   7.890   -1.174  1.00 20.09 ? 73  PHE A CD1 1 
ATOM   534 C  CD2 . PHE A 1 73  ? 0.496   5.577   -0.844  1.00 18.24 ? 73  PHE A CD2 1 
ATOM   535 C  CE1 . PHE A 1 73  ? 1.711   7.574   -2.357  1.00 17.94 ? 73  PHE A CE1 1 
ATOM   536 C  CE2 . PHE A 1 73  ? 1.128   5.276   -2.024  1.00 19.28 ? 73  PHE A CE2 1 
ATOM   537 C  CZ  . PHE A 1 73  ? 1.726   6.266   -2.771  1.00 17.20 ? 73  PHE A CZ  1 
ATOM   538 N  N   . LYS A 1 74  ? -2.434  8.103   -1.454  1.00 22.00 ? 74  LYS A N   1 
ATOM   539 C  CA  . LYS A 1 74  ? -3.429  7.645   -2.422  1.00 23.78 ? 74  LYS A CA  1 
ATOM   540 C  C   . LYS A 1 74  ? -2.718  6.999   -3.615  1.00 23.70 ? 74  LYS A C   1 
ATOM   541 O  O   . LYS A 1 74  ? -1.778  7.609   -4.158  1.00 23.75 ? 74  LYS A O   1 
ATOM   542 C  CB  . LYS A 1 74  ? -4.222  8.871   -2.811  1.00 25.12 ? 74  LYS A CB  1 
ATOM   543 C  CG  . LYS A 1 74  ? -5.512  8.604   -3.547  1.00 29.99 ? 74  LYS A CG  1 
ATOM   544 C  CD  . LYS A 1 74  ? -6.385  9.852   -3.448  1.00 33.56 ? 74  LYS A CD  1 
ATOM   545 C  CE  . LYS A 1 74  ? -6.835  10.054  -1.991  1.00 36.55 ? 74  LYS A CE  1 
ATOM   546 N  NZ  . LYS A 1 74  ? -8.043  10.867  -1.914  1.00 39.57 ? 74  LYS A NZ  1 
ATOM   547 N  N   . ALA A 1 75  ? -3.094  5.770   -3.962  1.00 21.09 ? 75  ALA A N   1 
ATOM   548 C  CA  . ALA A 1 75  ? -2.490  5.023   -5.058  1.00 20.59 ? 75  ALA A CA  1 
ATOM   549 C  C   . ALA A 1 75  ? -3.574  4.658   -6.101  1.00 21.10 ? 75  ALA A C   1 
ATOM   550 O  O   . ALA A 1 75  ? -4.724  4.382   -5.712  1.00 18.56 ? 75  ALA A O   1 
ATOM   551 C  CB  . ALA A 1 75  ? -1.894  3.732   -4.550  1.00 18.03 ? 75  ALA A CB  1 
ATOM   552 N  N   . LYS A 1 76  ? -3.271  4.680   -7.413  1.00 20.39 ? 76  LYS A N   1 
ATOM   553 C  CA  . LYS A 1 76  ? -4.195  4.288   -8.490  1.00 19.16 ? 76  LYS A CA  1 
ATOM   554 C  C   . LYS A 1 76  ? -3.447  3.310   -9.381  1.00 19.17 ? 76  LYS A C   1 
ATOM   555 O  O   . LYS A 1 76  ? -2.311  3.590   -9.790  1.00 18.72 ? 76  LYS A O   1 
ATOM   556 C  CB  . LYS A 1 76  ? -4.602  5.469   -9.349  1.00 19.57 ? 76  LYS A CB  1 
ATOM   557 C  CG  . LYS A 1 76  ? -5.702  6.323   -8.807  1.00 23.12 ? 76  LYS A CG  1 
ATOM   558 C  CD  . LYS A 1 76  ? -5.623  7.621   -9.550  1.00 26.78 ? 76  LYS A CD  1 
ATOM   559 C  CE  . LYS A 1 76  ? -6.970  8.311   -9.610  1.00 33.15 ? 76  LYS A CE  1 
ATOM   560 N  NZ  . LYS A 1 76  ? -7.763  7.696   -10.664 1.00 38.84 ? 76  LYS A NZ  1 
ATOM   561 N  N   . VAL A 1 77  ? -3.991  2.125   -9.616  1.00 16.50 ? 77  VAL A N   1 
ATOM   562 C  CA  . VAL A 1 77  ? -3.422  1.125   -10.494 1.00 17.62 ? 77  VAL A CA  1 
ATOM   563 C  C   . VAL A 1 77  ? -4.565  0.756   -11.484 1.00 21.14 ? 77  VAL A C   1 
ATOM   564 O  O   . VAL A 1 77  ? -5.743  0.483   -11.142 1.00 19.90 ? 77  VAL A O   1 
ATOM   565 C  CB  . VAL A 1 77  ? -2.968  -0.104  -9.696  1.00 14.80 ? 77  VAL A CB  1 
ATOM   566 C  CG1 . VAL A 1 77  ? -2.405  -1.141  -10.670 1.00 15.04 ? 77  VAL A CG1 1 
ATOM   567 C  CG2 . VAL A 1 77  ? -1.878  0.267   -8.670  1.00 15.84 ? 77  VAL A CG2 1 
ATOM   568 N  N   . SER A 1 78  ? -4.240  0.961   -12.761 1.00 21.73 ? 78  SER A N   1 
ATOM   569 C  CA  . SER A 1 78  ? -5.143  0.667   -13.871 1.00 23.33 ? 78  SER A CA  1 
ATOM   570 C  C   . SER A 1 78  ? -5.073  -0.757  -14.416 1.00 21.80 ? 78  SER A C   1 
ATOM   571 O  O   . SER A 1 78  ? -6.083  -1.211  -14.955 1.00 25.25 ? 78  SER A O   1 
ATOM   572 C  CB  . SER A 1 78  ? -4.862  1.661   -15.023 1.00 24.59 ? 78  SER A CB  1 
ATOM   573 O  OG  . SER A 1 78  ? -4.697  3.018   -14.604 1.00 30.96 ? 78  SER A OG  1 
ATOM   574 N  N   . THR A 1 79  ? -3.978  -1.511  -14.322 1.00 19.67 ? 79  THR A N   1 
ATOM   575 C  CA  . THR A 1 79  ? -3.857  -2.817  -14.934 1.00 19.64 ? 79  THR A CA  1 
ATOM   576 C  C   . THR A 1 79  ? -4.467  -3.931  -14.097 1.00 20.97 ? 79  THR A C   1 
ATOM   577 O  O   . THR A 1 79  ? -4.044  -4.121  -12.954 1.00 18.79 ? 79  THR A O   1 
ATOM   578 C  CB  . THR A 1 79  ? -2.353  -3.120  -15.211 1.00 19.37 ? 79  THR A CB  1 
ATOM   579 O  OG1 . THR A 1 79  ? -1.924  -2.059  -16.061 1.00 20.41 ? 79  THR A OG1 1 
ATOM   580 C  CG2 . THR A 1 79  ? -2.061  -4.491  -15.810 1.00 18.48 ? 79  THR A CG2 1 
ATOM   581 N  N   . PRO A 1 80  ? -5.443  -4.704  -14.587 1.00 20.80 ? 80  PRO A N   1 
ATOM   582 C  CA  . PRO A 1 80  ? -5.952  -5.898  -13.925 1.00 20.34 ? 80  PRO A CA  1 
ATOM   583 C  C   . PRO A 1 80  ? -4.890  -6.879  -13.471 1.00 19.01 ? 80  PRO A C   1 
ATOM   584 O  O   . PRO A 1 80  ? -3.926  -7.159  -14.183 1.00 20.23 ? 80  PRO A O   1 
ATOM   585 C  CB  . PRO A 1 80  ? -6.919  -6.468  -14.953 1.00 20.73 ? 80  PRO A CB  1 
ATOM   586 C  CG  . PRO A 1 80  ? -7.487  -5.239  -15.595 1.00 19.95 ? 80  PRO A CG  1 
ATOM   587 C  CD  . PRO A 1 80  ? -6.225  -4.408  -15.792 1.00 22.01 ? 80  PRO A CD  1 
ATOM   588 N  N   . GLY A 1 81  ? -5.021  -7.400  -12.261 1.00 16.92 ? 81  GLY A N   1 
ATOM   589 C  CA  . GLY A 1 81  ? -4.082  -8.351  -11.721 1.00 15.99 ? 81  GLY A CA  1 
ATOM   590 C  C   . GLY A 1 81  ? -4.139  -8.254  -10.193 1.00 17.35 ? 81  GLY A C   1 
ATOM   591 O  O   . GLY A 1 81  ? -4.951  -7.503  -9.652  1.00 17.53 ? 81  GLY A O   1 
ATOM   592 N  N   . THR A 1 82  ? -3.350  -9.022  -9.481  1.00 17.96 ? 82  THR A N   1 
ATOM   593 C  CA  . THR A 1 82  ? -3.278  -8.957  -8.032  1.00 19.61 ? 82  THR A CA  1 
ATOM   594 C  C   . THR A 1 82  ? -1.870  -8.498  -7.717  1.00 20.47 ? 82  THR A C   1 
ATOM   595 O  O   . THR A 1 82  ? -0.903  -8.957  -8.348  1.00 20.50 ? 82  THR A O   1 
ATOM   596 C  CB  . THR A 1 82  ? -3.516  -10.322 -7.454  1.00 21.78 ? 82  THR A CB  1 
ATOM   597 O  OG1 . THR A 1 82  ? -4.861  -10.634 -7.819  1.00 24.31 ? 82  THR A OG1 1 
ATOM   598 C  CG2 . THR A 1 82  ? -3.344  -10.390 -5.928  1.00 22.99 ? 82  THR A CG2 1 
ATOM   599 N  N   . TYR A 1 83  ? -1.695  -7.596  -6.765  1.00 19.69 ? 83  TYR A N   1 
ATOM   600 C  CA  . TYR A 1 83  ? -0.371  -7.049  -6.495  1.00 17.53 ? 83  TYR A CA  1 
ATOM   601 C  C   . TYR A 1 83  ? -0.198  -7.059  -4.988  1.00 18.51 ? 83  TYR A C   1 
ATOM   602 O  O   . TYR A 1 83  ? -1.204  -6.824  -4.314  1.00 17.48 ? 83  TYR A O   1 
ATOM   603 C  CB  . TYR A 1 83  ? -0.311  -5.627  -7.005  1.00 15.47 ? 83  TYR A CB  1 
ATOM   604 C  CG  . TYR A 1 83  ? -0.657  -5.521  -8.483  1.00 17.21 ? 83  TYR A CG  1 
ATOM   605 C  CD1 . TYR A 1 83  ? 0.261   -5.933  -9.434  1.00 17.03 ? 83  TYR A CD1 1 
ATOM   606 C  CD2 . TYR A 1 83  ? -1.903  -5.031  -8.844  1.00 17.58 ? 83  TYR A CD2 1 
ATOM   607 C  CE1 . TYR A 1 83  ? -0.072  -5.851  -10.768 1.00 17.26 ? 83  TYR A CE1 1 
ATOM   608 C  CE2 . TYR A 1 83  ? -2.242  -4.945  -10.176 1.00 16.44 ? 83  TYR A CE2 1 
ATOM   609 C  CZ  . TYR A 1 83  ? -1.318  -5.353  -11.114 1.00 18.52 ? 83  TYR A CZ  1 
ATOM   610 O  OH  . TYR A 1 83  ? -1.649  -5.244  -12.451 1.00 18.60 ? 83  TYR A OH  1 
ATOM   611 N  N   . THR A 1 84  ? 0.990   -7.365  -4.463  1.00 18.34 ? 84  THR A N   1 
ATOM   612 C  CA  . THR A 1 84  ? 1.287   -7.295  -3.029  1.00 17.61 ? 84  THR A CA  1 
ATOM   613 C  C   . THR A 1 84  ? 1.890   -5.938  -2.689  1.00 17.33 ? 84  THR A C   1 
ATOM   614 O  O   . THR A 1 84  ? 2.603   -5.326  -3.500  1.00 15.13 ? 84  THR A O   1 
ATOM   615 C  CB  . THR A 1 84  ? 2.256   -8.407  -2.673  1.00 19.20 ? 84  THR A CB  1 
ATOM   616 O  OG1 . THR A 1 84  ? 1.531   -9.607  -2.850  1.00 20.71 ? 84  THR A OG1 1 
ATOM   617 C  CG2 . THR A 1 84  ? 2.758   -8.363  -1.223  1.00 23.73 ? 84  THR A CG2 1 
ATOM   618 N  N   . PHE A 1 85  ? 1.545   -5.387  -1.522  1.00 16.10 ? 85  PHE A N   1 
ATOM   619 C  CA  . PHE A 1 85  ? 2.183   -4.189  -1.019  1.00 15.70 ? 85  PHE A CA  1 
ATOM   620 C  C   . PHE A 1 85  ? 2.621   -4.497  0.413   1.00 16.99 ? 85  PHE A C   1 
ATOM   621 O  O   . PHE A 1 85  ? 2.107   -5.421  1.075   1.00 14.37 ? 85  PHE A O   1 
ATOM   622 C  CB  . PHE A 1 85  ? 1.242   -2.965  -1.044  1.00 16.97 ? 85  PHE A CB  1 
ATOM   623 C  CG  . PHE A 1 85  ? -0.109  -3.093  -0.361  1.00 18.84 ? 85  PHE A CG  1 
ATOM   624 C  CD1 . PHE A 1 85  ? -0.224  -2.781  0.979   1.00 17.41 ? 85  PHE A CD1 1 
ATOM   625 C  CD2 . PHE A 1 85  ? -1.215  -3.538  -1.068  1.00 18.26 ? 85  PHE A CD2 1 
ATOM   626 C  CE1 . PHE A 1 85  ? -1.442  -2.924  1.614   1.00 18.84 ? 85  PHE A CE1 1 
ATOM   627 C  CE2 . PHE A 1 85  ? -2.426  -3.676  -0.422  1.00 20.21 ? 85  PHE A CE2 1 
ATOM   628 C  CZ  . PHE A 1 85  ? -2.544  -3.372  0.928   1.00 19.31 ? 85  PHE A CZ  1 
ATOM   629 N  N   . TYR A 1 86  ? 3.623   -3.746  0.869   1.00 17.39 ? 86  TYR A N   1 
ATOM   630 C  CA  . TYR A 1 86  ? 4.195   -3.981  2.187   1.00 17.12 ? 86  TYR A CA  1 
ATOM   631 C  C   . TYR A 1 86  ? 4.634   -2.674  2.807   1.00 15.85 ? 86  TYR A C   1 
ATOM   632 O  O   . TYR A 1 86  ? 4.643   -1.633  2.138   1.00 14.74 ? 86  TYR A O   1 
ATOM   633 C  CB  . TYR A 1 86  ? 5.377   -4.964  2.076   1.00 19.85 ? 86  TYR A CB  1 
ATOM   634 C  CG  . TYR A 1 86  ? 6.541   -4.464  1.243   1.00 23.55 ? 86  TYR A CG  1 
ATOM   635 C  CD1 . TYR A 1 86  ? 7.544   -3.725  1.851   1.00 24.43 ? 86  TYR A CD1 1 
ATOM   636 C  CD2 . TYR A 1 86  ? 6.595   -4.757  -0.116  1.00 25.77 ? 86  TYR A CD2 1 
ATOM   637 C  CE1 . TYR A 1 86  ? 8.611   -3.268  1.107   1.00 26.02 ? 86  TYR A CE1 1 
ATOM   638 C  CE2 . TYR A 1 86  ? 7.673   -4.298  -0.858  1.00 25.83 ? 86  TYR A CE2 1 
ATOM   639 C  CZ  . TYR A 1 86  ? 8.661   -3.564  -0.240  1.00 26.10 ? 86  TYR A CZ  1 
ATOM   640 O  OH  . TYR A 1 86  ? 9.718   -3.090  -0.970  1.00 26.83 ? 86  TYR A OH  1 
ATOM   641 N  N   . CYS A 1 87  ? 4.907   -2.718  4.117   1.00 13.81 ? 87  CYS A N   1 
ATOM   642 C  CA  . CYS A 1 87  ? 5.380   -1.535  4.807   1.00 14.58 ? 87  CYS A CA  1 
ATOM   643 C  C   . CYS A 1 87  ? 6.889   -1.705  4.916   1.00 12.65 ? 87  CYS A C   1 
ATOM   644 O  O   . CYS A 1 87  ? 7.262   -2.753  5.430   1.00 12.50 ? 87  CYS A O   1 
ATOM   645 C  CB  . CYS A 1 87  ? 4.774   -1.473  6.215   1.00 14.36 ? 87  CYS A CB  1 
ATOM   646 S  SG  . CYS A 1 87  ? 5.550   -0.176  7.199   1.00 13.15 ? 87  CYS A SG  1 
ATOM   647 N  N   . THR A 1 88  ? 7.762   -0.774  4.552   1.00 13.06 ? 88  THR A N   1 
ATOM   648 C  CA  . THR A 1 88  ? 9.203   -0.960  4.699   1.00 15.24 ? 88  THR A CA  1 
ATOM   649 C  C   . THR A 1 88  ? 9.729   -1.199  6.128   1.00 12.21 ? 88  THR A C   1 
ATOM   650 O  O   . THR A 1 88  ? 10.293  -2.267  6.321   1.00 13.19 ? 88  THR A O   1 
ATOM   651 C  CB  . THR A 1 88  ? 9.860   0.270   4.051   1.00 18.87 ? 88  THR A CB  1 
ATOM   652 O  OG1 . THR A 1 88  ? 9.370   0.331   2.695   1.00 23.33 ? 88  THR A OG1 1 
ATOM   653 C  CG2 . THR A 1 88  ? 11.392  0.221   4.152   1.00 21.08 ? 88  THR A CG2 1 
ATOM   654 N  N   . PRO A 1 89  ? 9.508   -0.399  7.177   1.00 13.90 ? 89  PRO A N   1 
ATOM   655 C  CA  . PRO A 1 89  ? 9.987   -0.702  8.524   1.00 14.71 ? 89  PRO A CA  1 
ATOM   656 C  C   . PRO A 1 89  ? 9.574   -2.075  9.015   1.00 15.83 ? 89  PRO A C   1 
ATOM   657 O  O   . PRO A 1 89  ? 10.387  -2.795  9.586   1.00 16.36 ? 89  PRO A O   1 
ATOM   658 C  CB  . PRO A 1 89  ? 9.427   0.352   9.407   1.00 12.92 ? 89  PRO A CB  1 
ATOM   659 C  CG  . PRO A 1 89  ? 8.957   1.471   8.574   1.00 13.10 ? 89  PRO A CG  1 
ATOM   660 C  CD  . PRO A 1 89  ? 8.719   0.831   7.200   1.00 13.20 ? 89  PRO A CD  1 
ATOM   661 N  N   . HIS A 1 90  ? 8.317   -2.513  8.690   1.00 18.67 ? 90  HIS A N   1 
ATOM   662 C  CA  . HIS A 1 90  ? 7.770   -3.707  9.344   1.00 18.02 ? 90  HIS A CA  1 
ATOM   663 C  C   . HIS A 1 90  ? 7.554   -4.887  8.414   1.00 19.26 ? 90  HIS A C   1 
ATOM   664 O  O   . HIS A 1 90  ? 6.834   -5.845  8.726   1.00 18.25 ? 90  HIS A O   1 
ATOM   665 C  CB  . HIS A 1 90  ? 6.451   -3.304  10.062  1.00 15.82 ? 90  HIS A CB  1 
ATOM   666 C  CG  . HIS A 1 90  ? 6.587   -2.133  11.053  1.00 12.93 ? 90  HIS A CG  1 
ATOM   667 N  ND1 . HIS A 1 90  ? 6.023   -0.969  10.792  1.00 13.82 ? 90  HIS A ND1 1 
ATOM   668 C  CD2 . HIS A 1 90  ? 7.249   -2.107  12.252  1.00 10.75 ? 90  HIS A CD2 1 
ATOM   669 C  CE1 . HIS A 1 90  ? 6.307   -0.162  11.794  1.00 10.91 ? 90  HIS A CE1 1 
ATOM   670 N  NE2 . HIS A 1 90  ? 7.031   -0.871  12.648  1.00 11.38 ? 90  HIS A NE2 1 
ATOM   671 N  N   . LYS A 1 91  ? 8.316   -4.866  7.309   1.00 20.62 ? 91  LYS A N   1 
ATOM   672 C  CA  . LYS A 1 91  ? 8.276   -5.920  6.286   1.00 23.56 ? 91  LYS A CA  1 
ATOM   673 C  C   . LYS A 1 91  ? 8.592   -7.276  6.868   1.00 24.57 ? 91  LYS A C   1 
ATOM   674 O  O   . LYS A 1 91  ? 7.869   -8.239  6.643   1.00 23.82 ? 91  LYS A O   1 
ATOM   675 C  CB  . LYS A 1 91  ? 9.293   -5.645  5.154   1.00 25.39 ? 91  LYS A CB  1 
ATOM   676 C  CG  . LYS A 1 91  ? 9.062   -6.514  3.910   1.00 27.17 ? 91  LYS A CG  1 
ATOM   677 C  CD  . LYS A 1 91  ? 10.075  -6.171  2.816   1.00 31.11 ? 91  LYS A CD  1 
ATOM   678 C  CE  . LYS A 1 91  ? 9.774   -6.881  1.474   1.00 32.16 ? 91  LYS A CE  1 
ATOM   679 N  NZ  . LYS A 1 91  ? 10.714  -7.960  1.197   1.00 35.02 ? 91  LYS A NZ  1 
ATOM   680 N  N   . SER A 1 92  ? 9.645   -7.403  7.661   1.00 25.00 ? 92  SER A N   1 
ATOM   681 C  CA  . SER A 1 92  ? 9.980   -8.674  8.276   1.00 27.50 ? 92  SER A CA  1 
ATOM   682 C  C   . SER A 1 92  ? 8.939   -9.105  9.307   1.00 28.68 ? 92  SER A C   1 
ATOM   683 O  O   . SER A 1 92  ? 8.899   -10.266 9.705   1.00 30.04 ? 92  SER A O   1 
ATOM   684 C  CB  . SER A 1 92  ? 11.330  -8.536  8.921   1.00 29.77 ? 92  SER A CB  1 
ATOM   685 O  OG  . SER A 1 92  ? 11.331  -7.309  9.666   1.00 34.49 ? 92  SER A OG  1 
ATOM   686 N  N   . ALA A 1 93  ? 8.076   -8.190  9.763   1.00 28.08 ? 93  ALA A N   1 
ATOM   687 C  CA  . ALA A 1 93  ? 6.990   -8.561  10.649  1.00 28.61 ? 93  ALA A CA  1 
ATOM   688 C  C   . ALA A 1 93  ? 5.705   -8.877  9.866   1.00 28.48 ? 93  ALA A C   1 
ATOM   689 O  O   . ALA A 1 93  ? 4.606   -8.832  10.414  1.00 28.61 ? 93  ALA A O   1 
ATOM   690 C  CB  . ALA A 1 93  ? 6.736   -7.419  11.619  1.00 28.96 ? 93  ALA A CB  1 
ATOM   691 N  N   . ASN A 1 94  ? 5.827   -9.167  8.569   1.00 27.34 ? 94  ASN A N   1 
ATOM   692 C  CA  . ASN A 1 94  ? 4.758   -9.546  7.654   1.00 25.85 ? 94  ASN A CA  1 
ATOM   693 C  C   . ASN A 1 94  ? 3.628   -8.552  7.581   1.00 22.94 ? 94  ASN A C   1 
ATOM   694 O  O   . ASN A 1 94  ? 2.458   -8.886  7.386   1.00 24.58 ? 94  ASN A O   1 
ATOM   695 C  CB  . ASN A 1 94  ? 4.241   -10.946 8.033   1.00 30.71 ? 94  ASN A CB  1 
ATOM   696 C  CG  . ASN A 1 94  ? 3.432   -11.714 6.967   1.00 36.56 ? 94  ASN A CG  1 
ATOM   697 O  OD1 . ASN A 1 94  ? 3.895   -12.707 6.410   1.00 40.60 ? 94  ASN A OD1 1 
ATOM   698 N  ND2 . ASN A 1 94  ? 2.184   -11.448 6.599   1.00 40.51 ? 94  ASN A ND2 1 
ATOM   699 N  N   . MET A 1 95  ? 3.939   -7.266  7.681   1.00 19.24 ? 95  MET A N   1 
ATOM   700 C  CA  . MET A 1 95  ? 2.944   -6.242  7.433   1.00 17.44 ? 95  MET A CA  1 
ATOM   701 C  C   . MET A 1 95  ? 2.890   -5.989  5.902   1.00 17.49 ? 95  MET A C   1 
ATOM   702 O  O   . MET A 1 95  ? 3.585   -5.172  5.273   1.00 14.85 ? 95  MET A O   1 
ATOM   703 C  CB  . MET A 1 95  ? 3.304   -4.975  8.174   1.00 16.10 ? 95  MET A CB  1 
ATOM   704 C  CG  . MET A 1 95  ? 2.332   -3.855  8.003   1.00 13.07 ? 95  MET A CG  1 
ATOM   705 S  SD  . MET A 1 95  ? 2.580   -2.431  9.073   1.00 15.10 ? 95  MET A SD  1 
ATOM   706 C  CE  . MET A 1 95  ? 1.270   -1.385  8.554   1.00 13.38 ? 95  MET A CE  1 
ATOM   707 N  N   . LYS A 1 96  ? 1.941   -6.740  5.344   1.00 17.95 ? 96  LYS A N   1 
ATOM   708 C  CA  . LYS A 1 96  ? 1.716   -6.790  3.918   1.00 19.37 ? 96  LYS A CA  1 
ATOM   709 C  C   . LYS A 1 96  ? 0.221   -6.960  3.630   1.00 20.18 ? 96  LYS A C   1 
ATOM   710 O  O   . LYS A 1 96  ? -0.549  -7.338  4.530   1.00 18.60 ? 96  LYS A O   1 
ATOM   711 C  CB  . LYS A 1 96  ? 2.521   -7.962  3.333   1.00 21.65 ? 96  LYS A CB  1 
ATOM   712 C  CG  . LYS A 1 96  ? 2.105   -9.369  3.743   1.00 28.15 ? 96  LYS A CG  1 
ATOM   713 C  CD  . LYS A 1 96  ? 2.954   -10.368 2.964   1.00 33.40 ? 96  LYS A CD  1 
ATOM   714 C  CE  . LYS A 1 96  ? 2.667   -11.839 3.335   1.00 38.14 ? 96  LYS A CE  1 
ATOM   715 N  NZ  . LYS A 1 96  ? 1.355   -12.285 2.897   1.00 41.01 ? 96  LYS A NZ  1 
ATOM   716 N  N   . GLY A 1 97  ? -0.183  -6.627  2.402   1.00 18.00 ? 97  GLY A N   1 
ATOM   717 C  CA  . GLY A 1 97  ? -1.561  -6.773  1.964   1.00 15.78 ? 97  GLY A CA  1 
ATOM   718 C  C   . GLY A 1 97  ? -1.580  -7.087  0.467   1.00 17.91 ? 97  GLY A C   1 
ATOM   719 O  O   . GLY A 1 97  ? -0.514  -7.084  -0.172  1.00 15.66 ? 97  GLY A O   1 
ATOM   720 N  N   . THR A 1 98  ? -2.749  -7.417  -0.088  1.00 16.80 ? 98  THR A N   1 
ATOM   721 C  CA  . THR A 1 98  ? -2.911  -7.651  -1.528  1.00 18.21 ? 98  THR A CA  1 
ATOM   722 C  C   . THR A 1 98  ? -3.966  -6.701  -2.098  1.00 16.68 ? 98  THR A C   1 
ATOM   723 O  O   . THR A 1 98  ? -4.938  -6.325  -1.427  1.00 16.03 ? 98  THR A O   1 
ATOM   724 C  CB  . THR A 1 98  ? -3.328  -9.123  -1.853  1.00 18.41 ? 98  THR A CB  1 
ATOM   725 O  OG1 . THR A 1 98  ? -4.539  -9.368  -1.168  1.00 22.14 ? 98  THR A OG1 1 
ATOM   726 C  CG2 . THR A 1 98  ? -2.299  -10.148 -1.450  1.00 19.64 ? 98  THR A CG2 1 
ATOM   727 N  N   . LEU A 1 99  ? -3.768  -6.239  -3.327  1.00 16.37 ? 99  LEU A N   1 
ATOM   728 C  CA  . LEU A 1 99  ? -4.683  -5.359  -4.017  1.00 17.68 ? 99  LEU A CA  1 
ATOM   729 C  C   . LEU A 1 99  ? -5.056  -6.151  -5.284  1.00 18.54 ? 99  LEU A C   1 
ATOM   730 O  O   . LEU A 1 99  ? -4.144  -6.540  -6.030  1.00 18.74 ? 99  LEU A O   1 
ATOM   731 C  CB  . LEU A 1 99  ? -3.999  -4.075  -4.448  1.00 17.99 ? 99  LEU A CB  1 
ATOM   732 C  CG  . LEU A 1 99  ? -4.668  -2.695  -4.645  1.00 21.63 ? 99  LEU A CG  1 
ATOM   733 C  CD1 . LEU A 1 99  ? -4.209  -2.102  -5.972  1.00 18.45 ? 99  LEU A CD1 1 
ATOM   734 C  CD2 . LEU A 1 99  ? -6.169  -2.805  -4.581  1.00 20.92 ? 99  LEU A CD2 1 
ATOM   735 N  N   . THR A 1 100 ? -6.345  -6.445  -5.514  1.00 17.38 ? 100 THR A N   1 
ATOM   736 C  CA  . THR A 1 100 ? -6.817  -7.082  -6.739  1.00 16.70 ? 100 THR A CA  1 
ATOM   737 C  C   . THR A 1 100 ? -7.462  -5.969  -7.535  1.00 17.06 ? 100 THR A C   1 
ATOM   738 O  O   . THR A 1 100 ? -8.340  -5.260  -7.021  1.00 16.14 ? 100 THR A O   1 
ATOM   739 C  CB  . THR A 1 100 ? -7.863  -8.170  -6.443  1.00 17.42 ? 100 THR A CB  1 
ATOM   740 O  OG1 . THR A 1 100 ? -7.135  -9.191  -5.790  1.00 16.27 ? 100 THR A OG1 1 
ATOM   741 C  CG2 . THR A 1 100 ? -8.586  -8.718  -7.686  1.00 18.40 ? 100 THR A CG2 1 
ATOM   742 N  N   . VAL A 1 101 ? -7.020  -5.747  -8.785  1.00 18.03 ? 101 VAL A N   1 
ATOM   743 C  CA  . VAL A 1 101 ? -7.609  -4.729  -9.650  1.00 19.04 ? 101 VAL A CA  1 
ATOM   744 C  C   . VAL A 1 101 ? -8.465  -5.504  -10.675 1.00 21.41 ? 101 VAL A C   1 
ATOM   745 O  O   . VAL A 1 101 ? -7.966  -6.480  -11.268 1.00 21.32 ? 101 VAL A O   1 
ATOM   746 C  CB  . VAL A 1 101 ? -6.486  -3.925  -10.348 1.00 18.58 ? 101 VAL A CB  1 
ATOM   747 C  CG1 . VAL A 1 101 ? -7.088  -2.814  -11.172 1.00 16.22 ? 101 VAL A CG1 1 
ATOM   748 C  CG2 . VAL A 1 101 ? -5.567  -3.285  -9.298  1.00 16.80 ? 101 VAL A CG2 1 
ATOM   749 N  N   . LYS A 1 102 ? -9.748  -5.151  -10.768 1.00 24.38 ? 102 LYS A N   1 
ATOM   750 C  CA  . LYS A 1 102 ? -10.670 -5.804  -11.693 1.00 28.35 ? 102 LYS A CA  1 
ATOM   751 C  C   . LYS A 1 102 ? -10.722 -4.962  -12.944 1.00 29.74 ? 102 LYS A C   1 
ATOM   752 O  O   . LYS A 1 102 ? -10.505 -5.554  -13.997 1.00 32.20 ? 102 LYS A O   1 
ATOM   753 C  CB  . LYS A 1 102 ? -12.137 -5.890  -11.217 1.00 28.14 ? 102 LYS A CB  1 
ATOM   754 C  CG  . LYS A 1 102 ? -12.511 -6.729  -10.007 1.00 30.29 ? 102 LYS A CG  1 
ATOM   755 C  CD  . LYS A 1 102 ? -11.729 -8.043  -9.822  1.00 31.67 ? 102 LYS A CD  1 
ATOM   756 C  CE  . LYS A 1 102 ? -11.771 -9.044  -10.956 1.00 32.67 ? 102 LYS A CE  1 
ATOM   757 N  NZ  . LYS A 1 102 ? -10.946 -10.198 -10.655 1.00 30.57 ? 102 LYS A NZ  1 
ATOM   758 O  OXT . LYS A 1 102 ? -10.961 -3.745  -12.854 1.00 32.50 ? 102 LYS A OXT 1 
HETATM 759 CU CU  . CU  B 2 .   ? 4.719   -0.449  9.278   1.00 16.39 ? 103 CU  A CU  1 
HETATM 760 O  O   . HOH C 3 .   ? -7.095  0.225   12.410  1.00 19.00 ? 201 HOH A O   1 
HETATM 761 O  O   . HOH C 3 .   ? 3.204   -4.871  17.374  1.00 39.25 ? 202 HOH A O   1 
HETATM 762 O  O   . HOH C 3 .   ? 0.657   0.343   14.189  1.00 18.34 ? 203 HOH A O   1 
HETATM 763 O  O   . HOH C 3 .   ? 1.821   -6.894  14.383  1.00 40.40 ? 204 HOH A O   1 
HETATM 764 O  O   . HOH C 3 .   ? -1.266  -6.519  7.223   1.00 21.16 ? 205 HOH A O   1 
HETATM 765 O  O   . HOH C 3 .   ? -5.373  -7.199  14.745  1.00 29.62 ? 206 HOH A O   1 
HETATM 766 O  O   . HOH C 3 .   ? -3.238  -10.365 2.276   1.00 30.89 ? 207 HOH A O   1 
HETATM 767 O  O   . HOH C 3 .   ? -6.782  -8.704  -3.045  1.00 21.33 ? 208 HOH A O   1 
HETATM 768 O  O   . HOH C 3 .   ? -12.201 -5.378  -1.109  1.00 34.10 ? 209 HOH A O   1 
HETATM 769 O  O   . HOH C 3 .   ? -11.561 -10.332 -5.567  1.00 26.33 ? 210 HOH A O   1 
HETATM 770 O  O   . HOH C 3 .   ? -12.219 4.115   -11.576 1.00 54.42 ? 211 HOH A O   1 
HETATM 771 O  O   . HOH C 3 .   ? -6.476  1.358   -8.249  1.00 21.84 ? 212 HOH A O   1 
HETATM 772 O  O   . HOH C 3 .   ? 0.227   3.059   13.748  1.00 21.58 ? 213 HOH A O   1 
HETATM 773 O  O   . HOH C 3 .   ? 4.094   -0.262  17.547  1.00 23.80 ? 214 HOH A O   1 
HETATM 774 O  O   . HOH C 3 .   ? 6.733   6.519   13.982  1.00 40.53 ? 215 HOH A O   1 
HETATM 775 O  O   . HOH C 3 .   ? 7.677   -0.241  -5.920  1.00 27.52 ? 216 HOH A O   1 
HETATM 776 O  O   . HOH C 3 .   ? 2.787   -7.202  -6.618  1.00 22.06 ? 217 HOH A O   1 
HETATM 777 O  O   . HOH C 3 .   ? 2.352   2.870   -16.971 1.00 28.30 ? 218 HOH A O   1 
HETATM 778 O  O   . HOH C 3 .   ? 6.346   5.697   -12.205 1.00 40.41 ? 219 HOH A O   1 
HETATM 779 O  O   . HOH C 3 .   ? 0.457   7.411   -5.869  1.00 35.67 ? 221 HOH A O   1 
HETATM 780 O  O   . HOH C 3 .   ? 13.947  4.517   4.937   1.00 42.18 ? 222 HOH A O   1 
HETATM 781 O  O   . HOH C 3 .   ? -0.912  6.152   -7.911  1.00 23.92 ? 223 HOH A O   1 
HETATM 782 O  O   . HOH C 3 .   ? -0.399  -9.347  -11.523 1.00 36.28 ? 224 HOH A O   1 
HETATM 783 O  O   . HOH C 3 .   ? -12.190 -0.390  4.092   1.00 40.99 ? 225 HOH A O   1 
HETATM 784 O  O   . HOH C 3 .   ? 0.506   2.641   16.545  1.00 42.93 ? 226 HOH A O   1 
HETATM 785 O  O   . HOH C 3 .   ? 5.811   8.616   11.352  1.00 28.51 ? 227 HOH A O   1 
HETATM 786 O  O   . HOH C 3 .   ? 8.254   -4.871  -21.193 1.00 50.42 ? 228 HOH A O   1 
HETATM 787 O  O   . HOH C 3 .   ? 12.178  4.533   -2.581  1.00 40.97 ? 229 HOH A O   1 
HETATM 788 O  O   . HOH C 3 .   ? -3.441  -0.214  -17.317 1.00 30.94 ? 230 HOH A O   1 
HETATM 789 O  O   . HOH C 3 .   ? -0.825  -7.573  -13.798 1.00 35.75 ? 231 HOH A O   1 
HETATM 790 O  O   . HOH C 3 .   ? -4.695  -6.020  19.063  1.00 51.92 ? 232 HOH A O   1 
HETATM 791 O  O   . HOH C 3 .   ? -11.640 6.472   -7.018  1.00 37.87 ? 233 HOH A O   1 
HETATM 792 O  O   . HOH C 3 .   ? -5.163  7.546   15.173  1.00 48.98 ? 234 HOH A O   1 
HETATM 793 O  O   . HOH C 3 .   ? -0.353  -2.278  -18.491 1.00 40.04 ? 235 HOH A O   1 
HETATM 794 O  O   . HOH C 3 .   ? 0.295   4.577   -10.367 1.00 22.20 ? 236 HOH A O   1 
HETATM 795 O  O   . HOH C 3 .   ? 4.180   7.917   -5.231  1.00 40.16 ? 238 HOH A O   1 
HETATM 796 O  O   . HOH C 3 .   ? -2.883  -10.699 -14.420 1.00 32.75 ? 239 HOH A O   1 
HETATM 797 O  O   . HOH C 3 .   ? 12.320  -3.494  4.750   1.00 49.64 ? 240 HOH A O   1 
HETATM 798 O  O   . HOH C 3 .   ? 1.951   -8.157  11.572  1.00 42.38 ? 241 HOH A O   1 
HETATM 799 O  O   . HOH C 3 .   ? -15.023 -3.288  -8.645  1.00 40.39 ? 242 HOH A O   1 
HETATM 800 O  O   . HOH C 3 .   ? -14.701 -1.350  -6.773  1.00 38.90 ? 243 HOH A O   1 
HETATM 801 O  O   . HOH C 3 .   ? -0.528  3.914   18.662  1.00 35.27 ? 244 HOH A O   1 
HETATM 802 O  O   . HOH C 3 .   ? -0.303  -4.720  -19.634 1.00 51.96 ? 245 HOH A O   1 
HETATM 803 O  O   . HOH C 3 .   ? 11.729  -4.918  8.611   1.00 44.16 ? 246 HOH A O   1 
HETATM 804 O  O   . HOH C 3 .   ? -9.949  7.173   -2.034  1.00 46.91 ? 247 HOH A O   1 
HETATM 805 O  O   . HOH C 3 .   ? -12.064 -5.894  1.806   1.00 45.42 ? 248 HOH A O   1 
HETATM 806 O  O   . HOH C 3 .   ? -2.446  -11.328 -11.685 1.00 35.93 ? 249 HOH A O   1 
HETATM 807 O  O   . HOH C 3 .   ? 9.153   -3.218  -3.950  1.00 46.86 ? 250 HOH A O   1 
HETATM 808 O  O   . HOH C 3 .   ? 1.767   -2.940  -21.610 1.00 62.51 ? 251 HOH A O   1 
# 
